data_8XN2
#
_entry.id   8XN2
#
_cell.length_a   1.00
_cell.length_b   1.00
_cell.length_c   1.00
_cell.angle_alpha   90.00
_cell.angle_beta   90.00
_cell.angle_gamma   90.00
#
_symmetry.space_group_name_H-M   'P 1'
#
loop_
_entity.id
_entity.type
_entity.pdbx_description
1 polymer 'Angiotensin-converting enzyme 2'
2 polymer 'Spike protein S1'
3 branched beta-D-mannopyranose-(1-4)-2-acetamido-2-deoxy-beta-D-glucopyranose-(1-4)-2-acetamido-2-deoxy-beta-D-glucopyranose
4 non-polymer 2-acetamido-2-deoxy-beta-D-glucopyranose
5 non-polymer 'ZINC ION'
#
loop_
_entity_poly.entity_id
_entity_poly.type
_entity_poly.pdbx_seq_one_letter_code
_entity_poly.pdbx_strand_id
1 'polypeptide(L)'
;STIEEQAKTFLDKFNHEAEDLFYQSSLASWNYNTNITEENVQNMNNAGDKWSAFLKEQSTLAQMYPLQEIQNLTVKLQLQ
ALQQNGSSVLSEDKSKRLNTILNTMSTIYSTGKVCNPDNPQECLLLEPGLNEIMANSLDYNERLWAWESWRSEVGKQLRP
LYEEYVVLKNEMARANHYEDYGDYWRGDYEVNGVDGYDYSRGQLIEDVEHTFEEIKPLYEHLHAYVRAKLMNAYPSYISP
IGCLPAHLLGDMWGRFWTNLYSLTVPFGQKPNIDVTDAMVDQAWDAQRIFKEAEKFFVSVGLPNMTQGFWENSMLTDPGN
VQKAVCHPTAWDLGKGDFRILMCTKVTMDDFLTAHHEMGHIQYDMAYAAQPFLLRNGANEGFHEAVGEIMSLSAATPKHL
KSIGLLSPDFQEDNETEINFLLKQALTIVGTLPFTYMLEKWRWMVFKGEIPKDQWMKKWWEMKREIVGVVEPVPHDETYC
DPASLFHVSNDYSFIRYYTRTLYQFQFQEALCQAAKHEGPLHKCDISNSTEAGQKLFNMLRLGKSEPWTLALENVVGAKN
MNVRPLLNYFEPLFTWLKDQNKNSFVGWSTDWSPYADHHHHHH
;
A
2 'polypeptide(L)'
;RVQPTESIVRFPNITNLCPFHEVFNATTFASVYAWNRKRISNCVADYSVIYNFAPFFAFKCYGVSPTKLNDLCFTNVYAD
SFVIRGNEVSQIAPGQTGNIADYNYKLPDDFTGCVIAWNSNKLDSKPSGNYNYLYRLLRKSKLKPFERDISTEIYQAGNK
PCNGVAGPNCYSPLQSYGFRPTYGVGHQPYRVVVLSFELLHAPATVCGPKKSTNLVKNKCVNFHHHHHH
;
B
#
loop_
_chem_comp.id
_chem_comp.type
_chem_comp.name
_chem_comp.formula
BMA D-saccharide, beta linking beta-D-mannopyranose 'C6 H12 O6'
NAG D-saccharide, beta linking 2-acetamido-2-deoxy-beta-D-glucopyranose 'C8 H15 N O6'
ZN non-polymer 'ZINC ION' 'Zn 2'
#
# COMPACT_ATOMS: atom_id res chain seq x y z
N SER A 1 -35.63 9.64 9.46
CA SER A 1 -34.76 10.08 8.34
C SER A 1 -34.70 9.01 7.27
N THR A 2 -33.64 9.04 6.44
CA THR A 2 -33.45 7.98 5.40
C THR A 2 -32.34 7.05 5.90
N ILE A 3 -32.30 5.82 5.41
CA ILE A 3 -31.21 4.88 5.79
C ILE A 3 -29.91 5.45 5.24
N GLU A 4 -30.02 6.37 4.30
CA GLU A 4 -28.69 6.79 3.85
C GLU A 4 -27.99 7.59 4.95
N GLU A 5 -28.72 8.48 5.61
CA GLU A 5 -28.13 9.24 6.72
C GLU A 5 -27.76 8.32 7.88
N GLN A 6 -28.59 7.31 8.16
CA GLN A 6 -28.25 6.37 9.21
C GLN A 6 -26.94 5.65 8.89
N ALA A 7 -26.80 5.19 7.64
CA ALA A 7 -25.56 4.54 7.22
C ALA A 7 -24.39 5.51 7.29
N LYS A 8 -24.64 6.79 6.99
CA LYS A 8 -23.57 7.78 7.03
C LYS A 8 -23.04 7.95 8.46
N THR A 9 -23.96 8.07 9.43
CA THR A 9 -23.52 8.18 10.82
C THR A 9 -22.80 6.92 11.27
N PHE A 10 -23.31 5.75 10.86
CA PHE A 10 -22.62 4.50 11.20
C PHE A 10 -21.20 4.49 10.65
N LEU A 11 -21.04 4.93 9.40
CA LEU A 11 -19.72 4.95 8.77
C LEU A 11 -18.80 5.92 9.48
N ASP A 12 -19.32 7.07 9.90
CA ASP A 12 -18.49 8.03 10.63
C ASP A 12 -17.97 7.42 11.93
N LYS A 13 -18.87 6.80 12.70
CA LYS A 13 -18.46 6.19 13.95
C LYS A 13 -17.44 5.09 13.70
N PHE A 14 -17.69 4.24 12.70
CA PHE A 14 -16.79 3.14 12.40
C PHE A 14 -15.41 3.66 11.98
N ASN A 15 -15.37 4.70 11.14
CA ASN A 15 -14.10 5.25 10.73
C ASN A 15 -13.31 5.76 11.92
N HIS A 16 -13.97 6.50 12.81
N HIS A 16 -14.07 6.52 12.80
CA HIS A 16 -13.20 7.16 13.86
CA HIS A 16 -13.30 7.17 13.86
C HIS A 16 -12.72 6.16 14.90
C HIS A 16 -12.81 6.18 14.90
N GLU A 17 -13.46 5.07 15.13
CA GLU A 17 -12.95 4.04 16.03
C GLU A 17 -11.88 3.17 15.35
N ALA A 18 -12.10 2.84 14.08
CA ALA A 18 -11.21 1.94 13.37
C ALA A 18 -9.84 2.56 13.16
N GLU A 19 -9.78 3.90 13.00
CA GLU A 19 -8.48 4.52 12.84
C GLU A 19 -7.61 4.28 14.06
N ASP A 20 -8.17 4.49 15.26
CA ASP A 20 -7.40 4.26 16.49
C ASP A 20 -7.02 2.80 16.65
N LEU A 21 -7.97 1.89 16.42
CA LEU A 21 -7.66 0.48 16.62
C LEU A 21 -6.61 0.00 15.62
N PHE A 22 -6.71 0.43 14.36
CA PHE A 22 -5.72 0.06 13.36
C PHE A 22 -4.36 0.66 13.68
N TYR A 23 -4.33 1.87 14.24
CA TYR A 23 -3.05 2.43 14.66
C TYR A 23 -2.41 1.59 15.75
N GLN A 24 -3.20 1.15 16.73
CA GLN A 24 -2.64 0.30 17.78
C GLN A 24 -2.08 -0.99 17.19
N SER A 25 -2.83 -1.63 16.30
CA SER A 25 -2.37 -2.88 15.71
C SER A 25 -1.09 -2.67 14.89
N SER A 26 -1.06 -1.59 14.10
CA SER A 26 0.11 -1.33 13.26
C SER A 26 1.33 -1.01 14.09
N LEU A 27 1.16 -0.25 15.18
CA LEU A 27 2.30 0.04 16.05
C LEU A 27 2.80 -1.22 16.72
N ALA A 28 1.90 -2.11 17.13
CA ALA A 28 2.34 -3.38 17.72
C ALA A 28 3.13 -4.20 16.71
N SER A 29 2.64 -4.29 15.46
CA SER A 29 3.35 -5.05 14.44
C SER A 29 4.70 -4.43 14.13
N TRP A 30 4.77 -3.11 14.05
CA TRP A 30 6.04 -2.44 13.80
C TRP A 30 7.03 -2.71 14.93
N ASN A 31 6.56 -2.66 16.18
CA ASN A 31 7.44 -2.95 17.30
C ASN A 31 7.95 -4.38 17.24
N TYR A 32 7.08 -5.32 16.90
CA TYR A 32 7.52 -6.71 16.80
C TYR A 32 8.58 -6.87 15.71
N ASN A 33 8.35 -6.27 14.55
CA ASN A 33 9.27 -6.46 13.44
C ASN A 33 10.60 -5.77 13.70
N THR A 34 10.59 -4.61 14.36
CA THR A 34 11.85 -3.91 14.62
C THR A 34 12.62 -4.55 15.77
N ASN A 35 11.92 -5.12 16.76
CA ASN A 35 12.56 -5.64 17.97
C ASN A 35 11.81 -6.89 18.38
N ILE A 36 12.33 -8.05 18.00
CA ILE A 36 11.65 -9.33 18.18
C ILE A 36 11.91 -9.82 19.60
N THR A 37 10.84 -9.94 20.39
CA THR A 37 10.93 -10.48 21.74
C THR A 37 9.54 -10.95 22.15
N GLU A 38 9.50 -11.74 23.23
CA GLU A 38 8.26 -12.39 23.64
C GLU A 38 7.19 -11.37 24.00
N GLU A 39 7.57 -10.31 24.72
CA GLU A 39 6.60 -9.29 25.09
C GLU A 39 6.03 -8.60 23.85
N ASN A 40 6.89 -8.29 22.88
CA ASN A 40 6.41 -7.69 21.64
C ASN A 40 5.46 -8.62 20.89
N VAL A 41 5.78 -9.91 20.87
CA VAL A 41 4.89 -10.88 20.21
C VAL A 41 3.54 -10.90 20.91
N GLN A 42 3.54 -10.88 22.24
CA GLN A 42 2.27 -10.89 22.97
C GLN A 42 1.46 -9.64 22.68
N ASN A 43 2.11 -8.47 22.65
CA ASN A 43 1.39 -7.23 22.35
C ASN A 43 0.82 -7.27 20.95
N MET A 44 1.59 -7.74 19.96
CA MET A 44 1.09 -7.80 18.60
C MET A 44 -0.08 -8.76 18.48
N ASN A 45 0.00 -9.91 19.16
CA ASN A 45 -1.11 -10.86 19.13
C ASN A 45 -2.36 -10.26 19.73
N ASN A 46 -2.21 -9.57 20.87
CA ASN A 46 -3.37 -8.93 21.49
C ASN A 46 -3.99 -7.88 20.57
N ALA A 47 -3.15 -7.04 19.97
CA ALA A 47 -3.67 -5.99 19.09
C ALA A 47 -4.36 -6.58 17.88
N GLY A 48 -3.77 -7.61 17.28
CA GLY A 48 -4.39 -8.24 16.12
C GLY A 48 -5.72 -8.88 16.45
N ASP A 49 -5.80 -9.58 17.59
CA ASP A 49 -7.07 -10.17 17.99
C ASP A 49 -8.12 -9.10 18.23
N LYS A 50 -7.74 -8.01 18.90
CA LYS A 50 -8.70 -6.93 19.16
C LYS A 50 -9.20 -6.32 17.86
N TRP A 51 -8.30 -6.06 16.91
CA TRP A 51 -8.70 -5.47 15.64
C TRP A 51 -9.60 -6.42 14.85
N SER A 52 -9.26 -7.70 14.84
CA SER A 52 -10.09 -8.68 14.13
C SER A 52 -11.48 -8.76 14.74
N ALA A 53 -11.56 -8.75 16.08
CA ALA A 53 -12.86 -8.78 16.73
C ALA A 53 -13.67 -7.54 16.40
N PHE A 54 -13.03 -6.36 16.40
CA PHE A 54 -13.76 -5.14 16.08
C PHE A 54 -14.27 -5.15 14.65
N LEU A 55 -13.43 -5.60 13.71
CA LEU A 55 -13.87 -5.71 12.32
C LEU A 55 -15.04 -6.67 12.18
N LYS A 56 -14.96 -7.80 12.88
CA LYS A 56 -16.07 -8.77 12.82
C LYS A 56 -17.35 -8.17 13.36
N GLU A 57 -17.28 -7.48 14.50
CA GLU A 57 -18.47 -6.88 15.08
C GLU A 57 -19.08 -5.83 14.16
N GLN A 58 -18.23 -4.97 13.59
CA GLN A 58 -18.75 -3.93 12.70
C GLN A 58 -19.30 -4.52 11.41
N SER A 59 -18.68 -5.59 10.90
CA SER A 59 -19.21 -6.24 9.71
C SER A 59 -20.57 -6.86 9.99
N THR A 60 -20.74 -7.48 11.16
CA THR A 60 -22.04 -8.01 11.53
C THR A 60 -23.07 -6.90 11.66
N LEU A 61 -22.67 -5.77 12.24
CA LEU A 61 -23.61 -4.66 12.40
C LEU A 61 -24.02 -4.07 11.06
N ALA A 62 -23.08 -3.97 10.12
CA ALA A 62 -23.34 -3.20 8.90
C ALA A 62 -24.37 -3.88 7.98
N GLN A 63 -24.67 -5.15 8.24
CA GLN A 63 -25.55 -5.88 7.33
C GLN A 63 -27.00 -5.43 7.42
N MET A 64 -27.33 -4.57 8.38
CA MET A 64 -28.71 -4.09 8.50
C MET A 64 -29.13 -3.28 7.29
N TYR A 65 -28.23 -2.43 6.78
CA TYR A 65 -28.58 -1.54 5.68
C TYR A 65 -28.53 -2.32 4.36
N PRO A 66 -29.63 -2.39 3.62
CA PRO A 66 -29.55 -2.91 2.25
C PRO A 66 -28.83 -1.92 1.34
N LEU A 67 -27.96 -2.46 0.49
CA LEU A 67 -27.21 -1.60 -0.42
C LEU A 67 -28.08 -0.99 -1.50
N GLN A 68 -29.32 -1.47 -1.65
CA GLN A 68 -30.22 -0.91 -2.66
C GLN A 68 -30.58 0.53 -2.34
N GLU A 69 -30.71 0.85 -1.05
CA GLU A 69 -31.13 2.19 -0.66
C GLU A 69 -29.98 3.18 -0.68
N ILE A 70 -28.74 2.69 -0.79
CA ILE A 70 -27.59 3.59 -0.78
C ILE A 70 -27.29 4.03 -2.21
N GLN A 71 -27.24 5.36 -2.38
CA GLN A 71 -26.98 5.94 -3.72
C GLN A 71 -25.58 6.54 -3.72
N ASN A 72 -25.24 7.31 -2.69
CA ASN A 72 -23.92 7.95 -2.63
C ASN A 72 -22.89 6.95 -3.15
N LEU A 73 -22.16 7.31 -4.20
CA LEU A 73 -21.18 6.39 -4.84
C LEU A 73 -19.95 6.24 -3.95
N THR A 74 -20.11 6.40 -2.65
CA THR A 74 -19.02 6.22 -1.70
C THR A 74 -19.43 5.42 -0.48
N VAL A 75 -20.56 5.80 0.12
CA VAL A 75 -21.16 5.01 1.19
C VAL A 75 -21.45 3.60 0.71
N LYS A 76 -21.85 3.46 -0.57
CA LYS A 76 -22.13 2.15 -1.11
C LYS A 76 -20.89 1.26 -1.10
N LEU A 77 -19.75 1.80 -1.56
CA LEU A 77 -18.52 1.02 -1.55
C LEU A 77 -18.03 0.70 -0.14
N GLN A 78 -18.14 1.66 0.79
CA GLN A 78 -17.73 1.37 2.15
C GLN A 78 -18.60 0.27 2.77
N LEU A 79 -19.92 0.37 2.58
CA LEU A 79 -20.81 -0.65 3.12
C LEU A 79 -20.60 -1.98 2.42
N GLN A 80 -20.24 -1.97 1.14
CA GLN A 80 -19.92 -3.22 0.45
C GLN A 80 -18.68 -3.87 1.04
N ALA A 81 -17.66 -3.06 1.32
CA ALA A 81 -16.45 -3.59 1.94
C ALA A 81 -16.76 -4.19 3.30
N LEU A 82 -17.62 -3.54 4.08
CA LEU A 82 -17.94 -4.07 5.40
C LEU A 82 -18.85 -5.29 5.32
N GLN A 83 -19.66 -5.35 4.28
CA GLN A 83 -20.64 -6.46 4.23
C GLN A 83 -20.06 -7.69 3.52
N GLN A 84 -18.76 -7.69 3.18
CA GLN A 84 -18.15 -8.81 2.41
C GLN A 84 -18.15 -10.06 3.27
N ASN A 85 -18.64 -9.93 4.48
CA ASN A 85 -18.78 -11.10 5.36
C ASN A 85 -17.41 -11.64 5.76
N GLY A 86 -16.53 -10.77 6.27
CA GLY A 86 -15.32 -11.37 6.83
C GLY A 86 -15.65 -12.41 7.90
N SER A 87 -16.80 -12.24 8.56
CA SER A 87 -17.33 -13.28 9.44
C SER A 87 -17.58 -14.53 8.62
N SER A 88 -16.96 -15.63 9.02
CA SER A 88 -17.05 -16.86 8.24
C SER A 88 -18.48 -17.38 8.21
N VAL A 89 -19.10 -17.33 7.04
CA VAL A 89 -20.44 -17.86 6.87
C VAL A 89 -20.49 -19.37 6.98
N LEU A 90 -19.34 -20.03 6.89
CA LEU A 90 -19.31 -21.49 6.96
C LEU A 90 -19.66 -21.97 8.36
N SER A 91 -19.97 -23.25 8.47
CA SER A 91 -20.24 -23.86 9.76
C SER A 91 -19.00 -23.81 10.64
N GLU A 92 -19.18 -24.07 11.94
CA GLU A 92 -18.06 -24.00 12.87
C GLU A 92 -17.01 -25.06 12.54
N ASP A 93 -17.46 -26.30 12.29
CA ASP A 93 -16.52 -27.36 11.96
C ASP A 93 -15.83 -27.08 10.62
N LYS A 94 -16.58 -26.57 9.65
CA LYS A 94 -15.98 -26.24 8.36
C LYS A 94 -14.92 -25.15 8.50
N SER A 95 -15.21 -24.12 9.30
CA SER A 95 -14.24 -23.06 9.51
C SER A 95 -13.01 -23.58 10.24
N LYS A 96 -13.20 -24.41 11.26
CA LYS A 96 -12.07 -24.95 11.99
C LYS A 96 -11.19 -25.80 11.09
N ARG A 97 -11.79 -26.65 10.26
CA ARG A 97 -10.99 -27.49 9.38
C ARG A 97 -10.36 -26.69 8.25
N LEU A 98 -11.00 -25.61 7.78
CA LEU A 98 -10.36 -24.75 6.80
C LEU A 98 -9.13 -24.07 7.38
N ASN A 99 -9.25 -23.57 8.62
CA ASN A 99 -8.09 -23.00 9.29
C ASN A 99 -7.00 -24.05 9.50
N THR A 100 -7.39 -25.28 9.86
CA THR A 100 -6.43 -26.35 10.02
C THR A 100 -5.71 -26.65 8.72
N ILE A 101 -6.45 -26.68 7.60
CA ILE A 101 -5.83 -26.95 6.30
C ILE A 101 -4.87 -25.84 5.91
N LEU A 102 -5.28 -24.59 6.13
CA LEU A 102 -4.39 -23.47 5.81
C LEU A 102 -3.12 -23.54 6.66
N ASN A 103 -3.27 -23.82 7.95
CA ASN A 103 -2.10 -23.92 8.83
C ASN A 103 -1.20 -25.07 8.42
N THR A 104 -1.80 -26.21 8.05
CA THR A 104 -1.00 -27.37 7.64
C THR A 104 -0.25 -27.08 6.35
N MET A 105 -0.91 -26.43 5.38
CA MET A 105 -0.24 -26.08 4.14
C MET A 105 0.92 -25.12 4.40
N SER A 106 0.69 -24.10 5.23
CA SER A 106 1.77 -23.16 5.55
C SER A 106 2.92 -23.87 6.24
N THR A 107 2.60 -24.76 7.19
CA THR A 107 3.63 -25.48 7.92
C THR A 107 4.44 -26.38 7.00
N ILE A 108 3.76 -27.09 6.10
CA ILE A 108 4.47 -27.99 5.20
C ILE A 108 5.35 -27.21 4.24
N TYR A 109 4.84 -26.10 3.71
CA TYR A 109 5.66 -25.30 2.80
C TYR A 109 6.88 -24.73 3.52
N SER A 110 6.69 -24.26 4.76
CA SER A 110 7.78 -23.60 5.47
C SER A 110 8.82 -24.61 5.95
N THR A 111 8.38 -25.78 6.41
CA THR A 111 9.27 -26.77 7.00
C THR A 111 9.63 -27.91 6.06
N GLY A 112 9.26 -27.81 4.78
CA GLY A 112 9.67 -28.80 3.83
C GLY A 112 11.17 -28.85 3.68
N LYS A 113 11.77 -30.01 3.96
CA LYS A 113 13.20 -30.18 3.92
C LYS A 113 13.55 -31.27 2.92
N VAL A 114 14.60 -31.02 2.13
CA VAL A 114 15.08 -31.98 1.14
C VAL A 114 16.42 -32.50 1.62
N CYS A 115 16.55 -33.82 1.73
CA CYS A 115 17.78 -34.44 2.18
C CYS A 115 18.61 -34.87 0.98
N ASN A 116 19.92 -35.01 1.21
CA ASN A 116 20.81 -35.45 0.15
C ASN A 116 20.48 -36.88 -0.26
N PRO A 117 20.71 -37.26 -1.51
CA PRO A 117 20.43 -38.64 -1.93
C PRO A 117 21.33 -39.61 -1.19
N ASP A 118 20.69 -40.59 -0.54
CA ASP A 118 21.33 -41.61 0.30
C ASP A 118 22.42 -41.02 1.18
N ASN A 119 22.19 -39.81 1.68
CA ASN A 119 23.12 -39.15 2.58
C ASN A 119 22.32 -38.41 3.65
N PRO A 120 22.28 -38.89 4.88
CA PRO A 120 21.46 -38.24 5.92
C PRO A 120 22.15 -37.09 6.65
N GLN A 121 23.28 -36.60 6.13
CA GLN A 121 24.01 -35.55 6.83
C GLN A 121 23.21 -34.24 6.87
N GLU A 122 22.67 -33.82 5.74
CA GLU A 122 21.95 -32.56 5.63
C GLU A 122 20.60 -32.76 4.98
N CYS A 123 19.59 -32.11 5.54
CA CYS A 123 18.27 -32.00 4.93
C CYS A 123 17.95 -30.52 4.78
N LEU A 124 17.95 -30.03 3.54
CA LEU A 124 17.97 -28.60 3.26
C LEU A 124 16.55 -28.06 3.16
N LEU A 125 16.31 -26.93 3.81
CA LEU A 125 15.08 -26.18 3.58
C LEU A 125 15.13 -25.51 2.21
N LEU A 126 13.94 -25.18 1.69
CA LEU A 126 13.84 -24.64 0.34
C LEU A 126 14.56 -23.30 0.22
N GLU A 127 14.24 -22.37 1.10
CA GLU A 127 14.71 -20.99 0.93
C GLU A 127 16.22 -20.85 1.07
N PRO A 128 16.88 -21.33 2.14
CA PRO A 128 18.29 -20.96 2.34
C PRO A 128 19.23 -21.52 1.30
N GLY A 129 19.27 -22.84 1.14
CA GLY A 129 20.30 -23.45 0.31
C GLY A 129 19.84 -23.95 -1.05
N LEU A 130 18.67 -24.58 -1.09
CA LEU A 130 18.19 -25.16 -2.34
C LEU A 130 17.94 -24.08 -3.39
N ASN A 131 17.38 -22.94 -2.98
CA ASN A 131 17.15 -21.86 -3.93
C ASN A 131 18.46 -21.34 -4.49
N GLU A 132 19.49 -21.20 -3.66
CA GLU A 132 20.79 -20.75 -4.15
C GLU A 132 21.40 -21.77 -5.11
N ILE A 133 21.25 -23.06 -4.80
CA ILE A 133 21.74 -24.10 -5.70
C ILE A 133 21.05 -24.00 -7.05
N MET A 134 19.73 -23.87 -7.05
CA MET A 134 18.99 -23.75 -8.30
C MET A 134 19.38 -22.48 -9.05
N ALA A 135 19.67 -21.40 -8.32
CA ALA A 135 19.96 -20.13 -8.97
C ALA A 135 21.33 -20.12 -9.63
N ASN A 136 22.35 -20.63 -8.94
CA ASN A 136 23.72 -20.45 -9.41
C ASN A 136 24.40 -21.72 -9.90
N SER A 137 24.02 -22.91 -9.42
CA SER A 137 24.69 -24.13 -9.83
C SER A 137 24.42 -24.42 -11.30
N LEU A 138 25.47 -24.86 -12.00
CA LEU A 138 25.40 -25.19 -13.41
C LEU A 138 25.40 -26.69 -13.67
N ASP A 139 24.98 -27.49 -12.69
CA ASP A 139 24.94 -28.94 -12.85
C ASP A 139 23.53 -29.37 -13.24
N TYR A 140 23.41 -29.94 -14.44
CA TYR A 140 22.11 -30.41 -14.92
C TYR A 140 21.53 -31.48 -14.01
N ASN A 141 22.35 -32.46 -13.64
CA ASN A 141 21.86 -33.54 -12.79
C ASN A 141 21.46 -33.02 -11.41
N GLU A 142 22.26 -32.13 -10.84
CA GLU A 142 21.93 -31.58 -9.53
C GLU A 142 20.63 -30.78 -9.58
N ARG A 143 20.45 -29.97 -10.62
CA ARG A 143 19.23 -29.18 -10.73
C ARG A 143 18.01 -30.08 -10.92
N LEU A 144 18.14 -31.11 -11.75
CA LEU A 144 17.02 -32.02 -11.95
C LEU A 144 16.67 -32.73 -10.65
N TRP A 145 17.69 -33.18 -9.91
CA TRP A 145 17.43 -33.80 -8.62
C TRP A 145 16.75 -32.85 -7.66
N ALA A 146 17.21 -31.60 -7.59
CA ALA A 146 16.60 -30.65 -6.66
C ALA A 146 15.14 -30.41 -7.00
N TRP A 147 14.85 -30.19 -8.29
CA TRP A 147 13.48 -29.94 -8.70
C TRP A 147 12.58 -31.13 -8.40
N GLU A 148 13.01 -32.34 -8.82
CA GLU A 148 12.17 -33.52 -8.62
C GLU A 148 11.98 -33.82 -7.15
N SER A 149 13.04 -33.68 -6.35
CA SER A 149 12.95 -33.97 -4.94
C SER A 149 12.01 -32.99 -4.23
N TRP A 150 12.10 -31.70 -4.57
CA TRP A 150 11.18 -30.74 -3.96
C TRP A 150 9.75 -31.05 -4.35
N ARG A 151 9.51 -31.37 -5.62
CA ARG A 151 8.16 -31.72 -6.05
C ARG A 151 7.62 -32.90 -5.26
N SER A 152 8.39 -33.99 -5.21
CA SER A 152 7.93 -35.16 -4.45
C SER A 152 7.78 -34.85 -2.96
N GLU A 153 8.57 -33.90 -2.45
CA GLU A 153 8.55 -33.60 -1.03
C GLU A 153 7.28 -32.86 -0.63
N VAL A 154 6.89 -31.85 -1.41
CA VAL A 154 5.80 -30.96 -1.01
C VAL A 154 4.50 -31.25 -1.77
N GLY A 155 4.56 -31.43 -3.09
CA GLY A 155 3.34 -31.60 -3.85
C GLY A 155 2.60 -32.87 -3.50
N LYS A 156 3.33 -33.98 -3.33
CA LYS A 156 2.68 -35.23 -2.95
C LYS A 156 2.02 -35.11 -1.58
N GLN A 157 2.69 -34.44 -0.65
CA GLN A 157 2.09 -34.23 0.68
C GLN A 157 0.85 -33.35 0.61
N LEU A 158 0.89 -32.30 -0.20
CA LEU A 158 -0.15 -31.29 -0.22
C LEU A 158 -1.29 -31.60 -1.19
N ARG A 159 -1.16 -32.63 -2.02
CA ARG A 159 -2.22 -32.91 -2.99
C ARG A 159 -3.57 -33.19 -2.35
N PRO A 160 -3.71 -34.13 -1.41
CA PRO A 160 -5.01 -34.26 -0.73
C PRO A 160 -5.40 -32.99 0.02
N LEU A 161 -4.41 -32.33 0.62
CA LEU A 161 -4.69 -31.08 1.31
C LEU A 161 -5.18 -30.00 0.35
N TYR A 162 -4.57 -29.92 -0.84
CA TYR A 162 -5.02 -28.93 -1.81
C TYR A 162 -6.41 -29.27 -2.33
N GLU A 163 -6.72 -30.56 -2.49
CA GLU A 163 -8.07 -30.95 -2.91
C GLU A 163 -9.09 -30.55 -1.86
N GLU A 164 -8.81 -30.81 -0.59
CA GLU A 164 -9.73 -30.41 0.46
C GLU A 164 -9.85 -28.90 0.53
N TYR A 165 -8.73 -28.19 0.30
CA TYR A 165 -8.75 -26.74 0.28
C TYR A 165 -9.65 -26.20 -0.81
N VAL A 166 -9.52 -26.74 -2.03
CA VAL A 166 -10.32 -26.23 -3.13
C VAL A 166 -11.80 -26.55 -2.90
N VAL A 167 -12.09 -27.72 -2.32
CA VAL A 167 -13.48 -28.05 -2.03
C VAL A 167 -14.07 -27.07 -1.03
N LEU A 168 -13.33 -26.80 0.05
CA LEU A 168 -13.85 -25.92 1.09
C LEU A 168 -13.99 -24.48 0.61
N LYS A 169 -13.01 -23.98 -0.15
CA LYS A 169 -13.10 -22.62 -0.64
C LYS A 169 -14.20 -22.48 -1.69
N ASN A 170 -14.41 -23.52 -2.50
CA ASN A 170 -15.56 -23.50 -3.41
C ASN A 170 -16.87 -23.47 -2.64
N GLU A 171 -16.94 -24.22 -1.54
CA GLU A 171 -18.14 -24.17 -0.70
C GLU A 171 -18.34 -22.77 -0.12
N MET A 172 -17.27 -22.13 0.32
CA MET A 172 -17.37 -20.77 0.85
C MET A 172 -17.88 -19.82 -0.23
N ALA A 173 -17.34 -19.92 -1.44
CA ALA A 173 -17.77 -19.07 -2.53
C ALA A 173 -19.24 -19.31 -2.87
N ARG A 174 -19.66 -20.58 -2.89
CA ARG A 174 -21.06 -20.90 -3.17
C ARG A 174 -21.96 -20.34 -2.08
N ALA A 175 -21.50 -20.37 -0.82
CA ALA A 175 -22.25 -19.72 0.24
C ALA A 175 -22.38 -18.23 -0.01
N ASN A 176 -21.30 -17.58 -0.44
CA ASN A 176 -21.40 -16.20 -0.87
C ASN A 176 -22.07 -16.12 -2.24
N HIS A 177 -22.21 -14.89 -2.73
CA HIS A 177 -22.91 -14.68 -3.99
C HIS A 177 -22.03 -15.01 -5.18
N TYR A 178 -20.71 -15.08 -4.98
CA TYR A 178 -19.80 -15.30 -6.09
C TYR A 178 -19.92 -16.73 -6.62
N GLU A 179 -19.71 -16.88 -7.93
CA GLU A 179 -19.88 -18.19 -8.56
C GLU A 179 -18.89 -19.20 -8.02
N ASP A 180 -17.61 -18.86 -8.02
CA ASP A 180 -16.58 -19.73 -7.48
C ASP A 180 -15.52 -18.87 -6.81
N TYR A 181 -14.49 -19.51 -6.28
CA TYR A 181 -13.46 -18.77 -5.56
C TYR A 181 -12.62 -17.93 -6.51
N GLY A 182 -12.50 -18.36 -7.76
CA GLY A 182 -11.90 -17.50 -8.77
C GLY A 182 -12.70 -16.24 -8.97
N ASP A 183 -14.02 -16.34 -8.96
CA ASP A 183 -14.87 -15.16 -9.04
C ASP A 183 -14.71 -14.28 -7.81
N TYR A 184 -14.57 -14.90 -6.64
CA TYR A 184 -14.30 -14.15 -5.42
C TYR A 184 -13.01 -13.34 -5.55
N TRP A 185 -11.97 -13.96 -6.10
CA TRP A 185 -10.70 -13.25 -6.27
C TRP A 185 -10.80 -12.16 -7.31
N ARG A 186 -11.54 -12.41 -8.40
CA ARG A 186 -11.71 -11.41 -9.44
C ARG A 186 -12.66 -10.28 -9.05
N GLY A 187 -13.42 -10.45 -7.97
CA GLY A 187 -14.35 -9.40 -7.57
C GLY A 187 -13.68 -8.08 -7.24
N ASP A 188 -12.39 -8.10 -6.95
CA ASP A 188 -11.67 -6.86 -6.68
C ASP A 188 -11.65 -5.97 -7.90
N TYR A 189 -11.55 -6.56 -9.09
CA TYR A 189 -11.50 -5.77 -10.31
C TYR A 189 -12.88 -5.32 -10.76
N GLU A 190 -13.93 -5.78 -10.08
CA GLU A 190 -15.30 -5.48 -10.50
C GLU A 190 -15.68 -4.04 -10.16
N VAL A 191 -16.41 -3.41 -11.07
CA VAL A 191 -16.97 -2.07 -10.87
C VAL A 191 -18.44 -2.11 -11.25
N ASN A 192 -19.30 -1.68 -10.34
CA ASN A 192 -20.74 -1.69 -10.55
C ASN A 192 -21.32 -0.32 -10.22
N GLY A 193 -22.35 0.08 -10.96
CA GLY A 193 -23.10 1.28 -10.67
C GLY A 193 -22.68 2.52 -11.42
N VAL A 194 -21.46 2.55 -11.96
CA VAL A 194 -20.97 3.72 -12.69
C VAL A 194 -21.00 3.37 -14.18
N ASP A 195 -22.08 3.76 -14.85
CA ASP A 195 -22.21 3.45 -16.27
C ASP A 195 -21.18 4.20 -17.10
N GLY A 196 -20.63 3.53 -18.09
CA GLY A 196 -19.57 4.08 -18.91
C GLY A 196 -18.18 3.87 -18.36
N TYR A 197 -18.06 3.34 -17.14
CA TYR A 197 -16.77 3.02 -16.54
C TYR A 197 -16.79 1.64 -15.90
N ASP A 198 -17.87 0.88 -16.13
CA ASP A 198 -18.09 -0.35 -15.40
C ASP A 198 -17.14 -1.44 -15.84
N TYR A 199 -17.08 -2.50 -15.04
CA TYR A 199 -16.28 -3.67 -15.34
C TYR A 199 -17.05 -4.91 -14.91
N SER A 200 -16.71 -6.04 -15.52
CA SER A 200 -17.33 -7.31 -15.18
C SER A 200 -16.26 -8.24 -14.65
N ARG A 201 -16.67 -9.13 -13.75
CA ARG A 201 -15.74 -10.09 -13.17
C ARG A 201 -15.18 -11.01 -14.26
N GLY A 202 -16.04 -11.44 -15.19
CA GLY A 202 -15.57 -12.27 -16.28
C GLY A 202 -14.81 -11.49 -17.34
N GLN A 203 -14.96 -10.17 -17.37
CA GLN A 203 -14.26 -9.37 -18.36
C GLN A 203 -12.76 -9.40 -18.15
N LEU A 204 -12.31 -9.65 -16.92
CA LEU A 204 -10.89 -9.79 -16.65
C LEU A 204 -10.29 -10.97 -17.41
N ILE A 205 -11.06 -12.06 -17.53
CA ILE A 205 -10.60 -13.22 -18.29
C ILE A 205 -10.30 -12.83 -19.73
N GLU A 206 -11.25 -12.15 -20.37
CA GLU A 206 -11.05 -11.75 -21.76
C GLU A 206 -9.91 -10.77 -21.90
N ASP A 207 -9.79 -9.81 -20.98
CA ASP A 207 -8.70 -8.84 -21.07
C ASP A 207 -7.34 -9.51 -20.92
N VAL A 208 -7.20 -10.42 -19.96
CA VAL A 208 -5.93 -11.12 -19.78
C VAL A 208 -5.60 -11.98 -20.99
N GLU A 209 -6.60 -12.69 -21.53
CA GLU A 209 -6.36 -13.52 -22.71
C GLU A 209 -5.91 -12.67 -23.90
N HIS A 210 -6.58 -11.55 -24.14
CA HIS A 210 -6.21 -10.70 -25.27
C HIS A 210 -4.83 -10.09 -25.07
N THR A 211 -4.51 -9.67 -23.84
CA THR A 211 -3.20 -9.11 -23.59
C THR A 211 -2.10 -10.14 -23.83
N PHE A 212 -2.31 -11.38 -23.39
CA PHE A 212 -1.30 -12.41 -23.65
C PHE A 212 -1.19 -12.72 -25.14
N GLU A 213 -2.33 -12.71 -25.85
CA GLU A 213 -2.28 -12.91 -27.30
C GLU A 213 -1.46 -11.84 -27.98
N GLU A 214 -1.51 -10.62 -27.45
CA GLU A 214 -0.65 -9.56 -28.01
C GLU A 214 0.81 -9.77 -27.61
N ILE A 215 1.07 -10.19 -26.36
CA ILE A 215 2.44 -10.37 -25.89
C ILE A 215 3.17 -11.51 -26.58
N LYS A 216 2.44 -12.52 -27.03
CA LYS A 216 3.07 -13.79 -27.41
C LYS A 216 4.26 -13.67 -28.36
N PRO A 217 4.24 -12.82 -29.41
CA PRO A 217 5.43 -12.77 -30.28
C PRO A 217 6.73 -12.43 -29.56
N LEU A 218 6.70 -11.45 -28.66
CA LEU A 218 7.92 -11.07 -27.93
C LEU A 218 8.40 -12.22 -27.07
N TYR A 219 7.48 -12.90 -26.39
CA TYR A 219 7.89 -14.03 -25.56
C TYR A 219 8.45 -15.16 -26.42
N GLU A 220 7.88 -15.37 -27.60
CA GLU A 220 8.41 -16.41 -28.48
C GLU A 220 9.83 -16.10 -28.93
N HIS A 221 10.10 -14.84 -29.28
CA HIS A 221 11.44 -14.49 -29.73
C HIS A 221 12.45 -14.57 -28.58
N LEU A 222 12.06 -14.07 -27.41
CA LEU A 222 12.94 -14.20 -26.24
C LEU A 222 13.16 -15.66 -25.89
N HIS A 223 12.12 -16.49 -26.05
CA HIS A 223 12.24 -17.91 -25.79
C HIS A 223 13.21 -18.57 -26.75
N ALA A 224 13.15 -18.19 -28.03
CA ALA A 224 14.10 -18.73 -29.00
C ALA A 224 15.53 -18.35 -28.65
N TYR A 225 15.75 -17.08 -28.28
CA TYR A 225 17.10 -16.66 -27.92
C TYR A 225 17.61 -17.38 -26.68
N VAL A 226 16.76 -17.50 -25.65
CA VAL A 226 17.16 -18.17 -24.43
C VAL A 226 17.40 -19.65 -24.69
N ARG A 227 16.61 -20.25 -25.58
CA ARG A 227 16.82 -21.63 -25.96
C ARG A 227 18.18 -21.81 -26.63
N ALA A 228 18.54 -20.92 -27.54
CA ALA A 228 19.85 -21.01 -28.18
C ALA A 228 20.98 -20.87 -27.16
N LYS A 229 20.86 -19.89 -26.26
CA LYS A 229 21.92 -19.68 -25.27
C LYS A 229 22.03 -20.85 -24.31
N LEU A 230 20.89 -21.41 -23.89
CA LEU A 230 20.94 -22.54 -22.96
C LEU A 230 21.38 -23.82 -23.65
N MET A 231 21.17 -23.92 -24.96
CA MET A 231 21.74 -25.03 -25.72
C MET A 231 23.26 -24.90 -25.80
N ASN A 232 23.74 -23.67 -26.00
CA ASN A 232 25.19 -23.44 -25.98
C ASN A 232 25.77 -23.79 -24.62
N ALA A 233 25.07 -23.42 -23.54
CA ALA A 233 25.57 -23.71 -22.21
C ALA A 233 25.52 -25.21 -21.89
N TYR A 234 24.39 -25.85 -22.17
CA TYR A 234 24.18 -27.28 -21.95
C TYR A 234 23.94 -27.93 -23.30
N PRO A 235 24.90 -28.67 -23.83
CA PRO A 235 24.79 -29.11 -25.23
C PRO A 235 23.71 -30.16 -25.48
N SER A 236 23.68 -31.23 -24.70
CA SER A 236 22.86 -32.38 -25.07
C SER A 236 21.43 -32.27 -24.56
N TYR A 237 21.22 -31.49 -23.50
CA TYR A 237 19.94 -31.55 -22.79
C TYR A 237 18.82 -30.81 -23.52
N ILE A 238 19.15 -29.71 -24.18
CA ILE A 238 18.14 -28.85 -24.82
C ILE A 238 18.08 -29.15 -26.31
N SER A 239 16.86 -29.28 -26.83
CA SER A 239 16.47 -29.54 -28.22
C SER A 239 16.05 -28.25 -28.91
N PRO A 240 16.33 -28.12 -30.21
CA PRO A 240 16.00 -26.85 -30.88
C PRO A 240 14.51 -26.62 -31.05
N ILE A 241 13.75 -27.65 -31.42
CA ILE A 241 12.32 -27.46 -31.64
C ILE A 241 11.55 -27.65 -30.34
N GLY A 242 12.12 -28.40 -29.39
CA GLY A 242 11.41 -28.70 -28.17
C GLY A 242 11.37 -27.53 -27.21
N CYS A 243 10.49 -27.66 -26.22
CA CYS A 243 10.37 -26.65 -25.18
C CYS A 243 11.54 -26.74 -24.22
N LEU A 244 11.73 -25.68 -23.44
CA LEU A 244 12.82 -25.68 -22.46
C LEU A 244 12.49 -26.62 -21.31
N PRO A 245 13.47 -27.36 -20.80
CA PRO A 245 13.24 -28.14 -19.57
C PRO A 245 13.01 -27.20 -18.39
N ALA A 246 12.24 -27.69 -17.43
CA ALA A 246 11.78 -26.82 -16.34
C ALA A 246 12.92 -26.39 -15.43
N HIS A 247 13.76 -27.33 -15.01
CA HIS A 247 14.71 -27.03 -13.95
C HIS A 247 15.79 -26.06 -14.41
N LEU A 248 15.99 -25.92 -15.72
CA LEU A 248 17.03 -25.04 -16.22
C LEU A 248 16.57 -23.59 -16.39
N LEU A 249 15.32 -23.29 -16.03
CA LEU A 249 14.80 -21.94 -16.23
C LEU A 249 15.54 -20.92 -15.39
N GLY A 250 15.87 -21.27 -14.14
CA GLY A 250 16.62 -20.36 -13.29
C GLY A 250 16.19 -20.33 -11.84
N ASP A 251 14.93 -20.62 -11.58
CA ASP A 251 14.43 -20.76 -10.22
C ASP A 251 13.65 -22.06 -10.14
N MET A 252 13.17 -22.36 -8.93
CA MET A 252 12.49 -23.64 -8.70
C MET A 252 11.22 -23.76 -9.53
N TRP A 253 10.48 -22.67 -9.66
CA TRP A 253 9.18 -22.70 -10.34
C TRP A 253 9.22 -22.07 -11.73
N GLY A 254 10.35 -21.51 -12.15
CA GLY A 254 10.42 -20.84 -13.42
C GLY A 254 9.77 -19.49 -13.46
N ARG A 255 9.46 -18.90 -12.30
CA ARG A 255 8.76 -17.62 -12.27
C ARG A 255 9.62 -16.50 -12.86
N PHE A 256 10.90 -16.47 -12.51
CA PHE A 256 11.79 -15.38 -12.88
C PHE A 256 13.01 -15.95 -13.59
N TRP A 257 13.42 -15.29 -14.67
CA TRP A 257 14.58 -15.70 -15.45
C TRP A 257 15.78 -14.81 -15.19
N THR A 258 15.78 -14.07 -14.08
CA THR A 258 16.87 -13.14 -13.81
C THR A 258 18.20 -13.86 -13.62
N ASN A 259 18.17 -15.11 -13.16
CA ASN A 259 19.40 -15.87 -12.99
C ASN A 259 20.05 -16.23 -14.31
N LEU A 260 19.35 -16.06 -15.43
CA LEU A 260 19.88 -16.43 -16.73
C LEU A 260 20.67 -15.32 -17.40
N TYR A 261 20.85 -14.17 -16.75
CA TYR A 261 21.54 -13.05 -17.39
C TYR A 261 22.99 -13.39 -17.66
N SER A 262 23.64 -14.13 -16.76
CA SER A 262 25.03 -14.52 -16.99
C SER A 262 25.15 -15.46 -18.18
N LEU A 263 24.26 -16.46 -18.26
CA LEU A 263 24.35 -17.44 -19.34
C LEU A 263 23.94 -16.83 -20.68
N THR A 264 22.95 -15.93 -20.67
CA THR A 264 22.40 -15.36 -21.89
C THR A 264 22.86 -13.92 -22.12
N VAL A 265 24.03 -13.55 -21.60
CA VAL A 265 24.47 -12.16 -21.74
C VAL A 265 24.72 -11.84 -23.21
N PRO A 266 24.20 -10.72 -23.73
CA PRO A 266 24.46 -10.41 -25.14
C PRO A 266 25.91 -10.12 -25.45
N PHE A 267 26.54 -9.23 -24.68
CA PHE A 267 27.92 -8.82 -24.91
C PHE A 267 28.68 -8.90 -23.60
N GLY A 268 29.60 -9.86 -23.51
CA GLY A 268 30.37 -10.02 -22.29
C GLY A 268 31.31 -8.86 -22.03
N GLN A 269 31.86 -8.27 -23.09
CA GLN A 269 32.85 -7.21 -22.93
C GLN A 269 32.25 -5.98 -22.27
N LYS A 270 31.03 -5.60 -22.65
CA LYS A 270 30.43 -4.40 -22.11
C LYS A 270 30.04 -4.62 -20.64
N PRO A 271 30.56 -3.82 -19.71
CA PRO A 271 30.20 -4.00 -18.31
C PRO A 271 28.87 -3.36 -17.97
N ASN A 272 28.09 -4.00 -17.10
CA ASN A 272 26.80 -3.46 -16.71
C ASN A 272 26.97 -2.21 -15.87
N ILE A 273 25.99 -1.31 -15.92
CA ILE A 273 26.04 -0.10 -15.14
C ILE A 273 25.75 -0.42 -13.68
N ASP A 274 26.67 -0.06 -12.80
CA ASP A 274 26.53 -0.26 -11.36
C ASP A 274 27.29 0.85 -10.65
N VAL A 275 26.69 1.40 -9.60
CA VAL A 275 27.22 2.57 -8.94
C VAL A 275 27.74 2.27 -7.54
N THR A 276 28.00 0.99 -7.23
CA THR A 276 28.45 0.64 -5.89
C THR A 276 29.80 1.28 -5.58
N ASP A 277 30.76 1.11 -6.49
CA ASP A 277 32.09 1.66 -6.25
C ASP A 277 32.06 3.18 -6.21
N ALA A 278 31.27 3.81 -7.07
CA ALA A 278 31.16 5.26 -7.06
C ALA A 278 30.56 5.77 -5.75
N MET A 279 29.51 5.10 -5.26
CA MET A 279 28.91 5.49 -4.00
C MET A 279 29.90 5.33 -2.85
N VAL A 280 30.68 4.24 -2.86
CA VAL A 280 31.68 4.06 -1.82
C VAL A 280 32.74 5.15 -1.89
N ASP A 281 33.20 5.49 -3.10
CA ASP A 281 34.20 6.53 -3.26
C ASP A 281 33.68 7.89 -2.79
N GLN A 282 32.40 8.16 -3.04
CA GLN A 282 31.78 9.41 -2.58
C GLN A 282 31.32 9.33 -1.13
N ALA A 283 31.46 8.18 -0.48
CA ALA A 283 31.20 8.04 0.96
C ALA A 283 29.75 8.35 1.29
N TRP A 284 28.83 7.55 0.76
CA TRP A 284 27.42 7.70 1.07
C TRP A 284 27.02 6.83 2.25
N ASP A 285 25.85 7.11 2.80
CA ASP A 285 25.21 6.25 3.78
C ASP A 285 23.73 6.14 3.46
N ALA A 286 23.03 5.30 4.22
CA ALA A 286 21.63 5.01 3.92
C ALA A 286 20.77 6.26 4.08
N GLN A 287 21.10 7.10 5.07
CA GLN A 287 20.31 8.31 5.30
C GLN A 287 20.34 9.22 4.07
N ARG A 288 21.52 9.47 3.52
CA ARG A 288 21.58 10.30 2.33
C ARG A 288 21.11 9.57 1.08
N ILE A 289 21.17 8.23 1.04
CA ILE A 289 20.53 7.49 -0.04
C ILE A 289 19.04 7.80 -0.07
N PHE A 290 18.40 7.72 1.09
CA PHE A 290 16.97 8.01 1.17
C PHE A 290 16.69 9.47 0.90
N LYS A 291 17.61 10.37 1.31
CA LYS A 291 17.45 11.79 1.01
C LYS A 291 17.50 12.04 -0.49
N GLU A 292 18.43 11.40 -1.19
CA GLU A 292 18.51 11.54 -2.63
C GLU A 292 17.26 10.98 -3.30
N ALA A 293 16.72 9.89 -2.76
CA ALA A 293 15.45 9.38 -3.28
C ALA A 293 14.34 10.39 -3.05
N GLU A 294 14.36 11.07 -1.90
CA GLU A 294 13.34 12.07 -1.59
C GLU A 294 13.41 13.23 -2.55
N LYS A 295 14.62 13.66 -2.92
CA LYS A 295 14.76 14.79 -3.82
C LYS A 295 14.09 14.54 -5.16
N PHE A 296 14.02 13.27 -5.58
CA PHE A 296 13.35 12.93 -6.83
C PHE A 296 11.86 13.25 -6.75
N PHE A 297 11.20 12.81 -5.67
CA PHE A 297 9.78 13.09 -5.50
C PHE A 297 9.53 14.57 -5.27
N VAL A 298 10.48 15.27 -4.65
CA VAL A 298 10.36 16.72 -4.52
C VAL A 298 10.40 17.36 -5.90
N SER A 299 11.30 16.89 -6.76
CA SER A 299 11.42 17.45 -8.10
C SER A 299 10.17 17.20 -8.93
N VAL A 300 9.59 16.00 -8.82
CA VAL A 300 8.41 15.70 -9.62
C VAL A 300 7.17 16.48 -9.17
N GLY A 301 7.25 17.16 -8.03
CA GLY A 301 6.14 17.96 -7.54
C GLY A 301 5.38 17.37 -6.37
N LEU A 302 5.65 16.12 -6.00
CA LEU A 302 5.01 15.51 -4.85
C LEU A 302 5.61 16.08 -3.56
N PRO A 303 4.89 15.98 -2.43
CA PRO A 303 5.43 16.51 -1.17
C PRO A 303 6.64 15.74 -0.68
N ASN A 304 7.27 16.23 0.40
CA ASN A 304 8.46 15.59 0.94
C ASN A 304 8.15 14.98 2.29
N MET A 305 9.13 14.23 2.80
CA MET A 305 8.88 13.35 3.94
C MET A 305 8.68 14.13 5.23
N THR A 306 8.01 13.48 6.19
CA THR A 306 7.70 14.10 7.46
C THR A 306 8.88 13.98 8.43
N GLN A 307 9.01 14.98 9.31
CA GLN A 307 9.99 14.90 10.38
C GLN A 307 9.73 13.68 11.26
N GLY A 308 8.46 13.36 11.50
CA GLY A 308 8.14 12.13 12.20
C GLY A 308 8.61 10.90 11.46
N PHE A 309 8.49 10.90 10.14
CA PHE A 309 9.01 9.79 9.33
C PHE A 309 10.50 9.64 9.54
N TRP A 310 11.25 10.74 9.44
CA TRP A 310 12.70 10.67 9.60
C TRP A 310 13.08 10.22 11.01
N GLU A 311 12.33 10.65 12.02
CA GLU A 311 12.66 10.30 13.39
C GLU A 311 12.37 8.83 13.70
N ASN A 312 11.20 8.35 13.27
CA ASN A 312 10.76 7.02 13.69
C ASN A 312 11.28 5.92 12.79
N SER A 313 11.42 6.19 11.50
CA SER A 313 11.81 5.15 10.55
C SER A 313 13.23 4.68 10.81
N MET A 314 13.43 3.36 10.76
CA MET A 314 14.76 2.76 10.85
C MET A 314 15.20 2.38 9.44
N LEU A 315 16.09 3.19 8.87
CA LEU A 315 16.61 2.95 7.53
C LEU A 315 17.95 2.24 7.54
N THR A 316 18.61 2.15 8.69
CA THR A 316 19.91 1.53 8.80
C THR A 316 19.81 0.30 9.69
N ASP A 317 20.55 -0.74 9.33
CA ASP A 317 20.51 -1.98 10.10
C ASP A 317 21.09 -1.72 11.49
N PRO A 318 20.32 -1.93 12.55
CA PRO A 318 20.87 -1.71 13.90
C PRO A 318 22.07 -2.59 14.20
N GLY A 319 22.05 -3.84 13.75
CA GLY A 319 23.14 -4.76 14.00
C GLY A 319 23.27 -5.12 15.47
N ASN A 320 24.33 -5.87 15.76
CA ASN A 320 24.69 -6.24 17.12
C ASN A 320 23.55 -6.89 17.89
N VAL A 321 23.17 -6.28 19.02
CA VAL A 321 22.21 -6.91 19.94
C VAL A 321 20.82 -6.96 19.32
N GLN A 322 20.45 -5.91 18.60
CA GLN A 322 19.10 -5.80 18.06
C GLN A 322 18.83 -6.90 17.04
N LYS A 323 17.62 -7.48 17.11
CA LYS A 323 17.17 -8.49 16.17
C LYS A 323 15.93 -7.96 15.46
N ALA A 324 15.95 -8.02 14.12
CA ALA A 324 14.86 -7.47 13.33
C ALA A 324 14.80 -8.19 11.98
N VAL A 325 13.66 -8.06 11.31
CA VAL A 325 13.49 -8.60 9.97
C VAL A 325 13.98 -7.57 8.96
N CYS A 326 14.69 -8.03 7.94
CA CYS A 326 15.25 -7.13 6.94
C CYS A 326 14.48 -7.13 5.63
N HIS A 327 13.22 -7.55 5.62
CA HIS A 327 12.42 -7.41 4.41
C HIS A 327 11.93 -5.97 4.30
N PRO A 328 12.23 -5.27 3.20
CA PRO A 328 11.79 -3.88 3.07
C PRO A 328 10.28 -3.76 3.09
N THR A 329 9.79 -2.74 3.79
CA THR A 329 8.35 -2.50 3.88
C THR A 329 8.10 -1.04 4.18
N ALA A 330 7.09 -0.48 3.52
CA ALA A 330 6.63 0.88 3.80
C ALA A 330 5.32 0.80 4.57
N TRP A 331 5.31 1.38 5.77
CA TRP A 331 4.18 1.25 6.69
C TRP A 331 3.40 2.55 6.73
N ASP A 332 2.10 2.46 6.45
CA ASP A 332 1.16 3.55 6.69
C ASP A 332 0.40 3.19 7.95
N LEU A 333 1.00 3.49 9.11
CA LEU A 333 0.41 3.07 10.38
C LEU A 333 -0.94 3.72 10.61
N GLY A 334 -1.13 4.91 10.05
CA GLY A 334 -2.38 5.64 10.20
C GLY A 334 -2.19 6.92 11.01
N LYS A 335 -3.13 7.84 10.78
CA LYS A 335 -3.15 9.12 11.47
C LYS A 335 -1.83 9.87 11.29
N GLY A 336 -1.31 9.85 10.07
CA GLY A 336 -0.16 10.66 9.72
C GLY A 336 1.19 10.05 10.01
N ASP A 337 1.26 8.78 10.37
CA ASP A 337 2.53 8.11 10.64
C ASP A 337 2.93 7.26 9.45
N PHE A 338 4.12 7.53 8.91
CA PHE A 338 4.67 6.78 7.79
C PHE A 338 6.11 6.41 8.10
N ARG A 339 6.48 5.16 7.86
CA ARG A 339 7.82 4.67 8.20
C ARG A 339 8.29 3.65 7.17
N ILE A 340 9.60 3.46 7.12
CA ILE A 340 10.24 2.43 6.30
C ILE A 340 11.05 1.52 7.20
N LEU A 341 10.83 0.22 7.06
CA LEU A 341 11.60 -0.80 7.75
C LEU A 341 12.50 -1.47 6.73
N MET A 342 13.74 -1.03 6.66
CA MET A 342 14.66 -1.49 5.63
C MET A 342 16.08 -1.46 6.16
N CYS A 343 16.75 -2.60 6.11
CA CYS A 343 18.16 -2.70 6.42
C CYS A 343 18.93 -2.29 5.15
N THR A 344 19.10 -0.99 4.96
CA THR A 344 19.65 -0.44 3.74
C THR A 344 21.16 -0.34 3.84
N LYS A 345 21.84 -0.91 2.86
CA LYS A 345 23.29 -0.78 2.72
C LYS A 345 23.58 0.03 1.48
N VAL A 346 24.86 0.33 1.27
CA VAL A 346 25.28 1.20 0.18
C VAL A 346 25.44 0.34 -1.09
N THR A 347 24.32 0.15 -1.78
CA THR A 347 24.30 -0.59 -3.05
C THR A 347 23.25 0.01 -3.96
N MET A 348 23.44 -0.22 -5.27
CA MET A 348 22.50 0.30 -6.25
C MET A 348 21.12 -0.32 -6.10
N ASP A 349 21.08 -1.62 -5.83
CA ASP A 349 19.79 -2.29 -5.64
C ASP A 349 19.07 -1.73 -4.42
N ASP A 350 19.81 -1.45 -3.33
CA ASP A 350 19.20 -0.85 -2.15
C ASP A 350 18.70 0.56 -2.45
N PHE A 351 19.44 1.31 -3.26
CA PHE A 351 18.99 2.65 -3.64
C PHE A 351 17.68 2.59 -4.42
N LEU A 352 17.60 1.69 -5.40
CA LEU A 352 16.35 1.55 -6.16
C LEU A 352 15.21 1.06 -5.29
N THR A 353 15.49 0.13 -4.36
CA THR A 353 14.44 -0.33 -3.46
C THR A 353 13.96 0.79 -2.56
N ALA A 354 14.87 1.66 -2.12
CA ALA A 354 14.45 2.83 -1.34
C ALA A 354 13.54 3.71 -2.16
N HIS A 355 13.85 3.91 -3.44
CA HIS A 355 12.95 4.65 -4.31
C HIS A 355 11.57 4.00 -4.36
N HIS A 356 11.54 2.67 -4.49
CA HIS A 356 10.26 1.95 -4.56
C HIS A 356 9.44 2.15 -3.29
N GLU A 357 10.09 2.02 -2.14
CA GLU A 357 9.37 2.16 -0.87
C GLU A 357 8.86 3.58 -0.67
N MET A 358 9.66 4.57 -1.06
CA MET A 358 9.19 5.94 -0.91
C MET A 358 8.06 6.24 -1.89
N GLY A 359 8.03 5.55 -3.04
CA GLY A 359 6.85 5.61 -3.87
C GLY A 359 5.62 5.08 -3.17
N HIS A 360 5.78 3.95 -2.46
CA HIS A 360 4.66 3.44 -1.67
C HIS A 360 4.17 4.50 -0.70
N ILE A 361 5.10 5.15 0.01
CA ILE A 361 4.69 6.12 1.03
C ILE A 361 4.06 7.35 0.40
N GLN A 362 4.53 7.78 -0.77
CA GLN A 362 3.85 8.88 -1.43
C GLN A 362 2.42 8.52 -1.82
N TYR A 363 2.18 7.31 -2.30
CA TYR A 363 0.81 6.87 -2.53
C TYR A 363 -0.01 6.91 -1.24
N ASP A 364 0.56 6.40 -0.15
CA ASP A 364 -0.16 6.35 1.12
C ASP A 364 -0.48 7.76 1.63
N MET A 365 0.46 8.68 1.50
CA MET A 365 0.22 10.07 1.87
C MET A 365 -0.87 10.67 1.00
N ALA A 366 -0.87 10.36 -0.29
CA ALA A 366 -1.85 10.93 -1.19
C ALA A 366 -3.27 10.50 -0.84
N TYR A 367 -3.47 9.22 -0.53
CA TYR A 367 -4.84 8.80 -0.23
C TYR A 367 -5.19 8.90 1.25
N ALA A 368 -4.41 9.66 2.04
CA ALA A 368 -4.65 9.73 3.47
C ALA A 368 -5.99 10.41 3.78
N ALA A 369 -6.40 11.36 2.95
CA ALA A 369 -7.59 12.14 3.26
C ALA A 369 -8.86 11.30 3.21
N GLN A 370 -8.88 10.28 2.36
CA GLN A 370 -10.09 9.51 2.15
C GLN A 370 -10.41 8.67 3.39
N PRO A 371 -11.65 8.20 3.52
CA PRO A 371 -12.02 7.36 4.66
C PRO A 371 -11.16 6.11 4.78
N PHE A 372 -11.23 5.49 5.96
CA PHE A 372 -10.35 4.37 6.29
C PHE A 372 -10.56 3.19 5.35
N LEU A 373 -11.82 2.84 5.07
CA LEU A 373 -12.08 1.68 4.22
C LEU A 373 -11.54 1.90 2.81
N LEU A 374 -11.64 3.12 2.30
CA LEU A 374 -11.16 3.45 0.97
C LEU A 374 -9.67 3.79 0.95
N ARG A 375 -9.01 3.83 2.10
CA ARG A 375 -7.58 4.14 2.16
C ARG A 375 -6.76 2.94 1.68
N ASN A 376 -6.86 2.68 0.38
CA ASN A 376 -6.07 1.64 -0.28
C ASN A 376 -5.93 2.01 -1.75
N GLY A 377 -5.11 1.23 -2.46
CA GLY A 377 -4.99 1.41 -3.89
C GLY A 377 -6.26 0.98 -4.61
N ALA A 378 -6.46 1.55 -5.80
CA ALA A 378 -7.71 1.33 -6.52
C ALA A 378 -7.91 -0.14 -6.84
N ASN A 379 -6.85 -0.81 -7.26
CA ASN A 379 -6.84 -2.27 -7.34
C ASN A 379 -5.51 -2.76 -6.77
N GLU A 380 -5.36 -4.08 -6.72
CA GLU A 380 -4.19 -4.66 -6.08
C GLU A 380 -2.91 -4.35 -6.84
N GLY A 381 -3.04 -3.89 -8.10
CA GLY A 381 -1.85 -3.71 -8.92
C GLY A 381 -1.27 -2.31 -8.89
N PHE A 382 -2.11 -1.29 -8.69
CA PHE A 382 -1.66 0.09 -8.84
C PHE A 382 -0.58 0.44 -7.83
N HIS A 383 -0.60 -0.19 -6.66
CA HIS A 383 0.27 0.24 -5.57
C HIS A 383 1.73 -0.13 -5.87
N GLU A 384 1.97 -1.40 -6.20
CA GLU A 384 3.30 -1.79 -6.65
C GLU A 384 3.62 -1.22 -8.03
N ALA A 385 2.62 -0.93 -8.86
CA ALA A 385 2.89 -0.25 -10.12
C ALA A 385 3.48 1.13 -9.89
N VAL A 386 2.92 1.88 -8.93
CA VAL A 386 3.44 3.20 -8.61
C VAL A 386 4.83 3.10 -8.01
N GLY A 387 5.08 2.06 -7.23
CA GLY A 387 6.45 1.81 -6.81
C GLY A 387 7.40 1.53 -7.97
N GLU A 388 6.96 0.70 -8.90
CA GLU A 388 7.87 0.21 -9.94
C GLU A 388 8.18 1.27 -10.98
N ILE A 389 7.25 2.19 -11.23
CA ILE A 389 7.55 3.26 -12.18
C ILE A 389 8.68 4.14 -11.65
N MET A 390 8.64 4.47 -10.36
CA MET A 390 9.74 5.22 -9.75
C MET A 390 11.02 4.42 -9.77
N SER A 391 10.93 3.11 -9.49
CA SER A 391 12.13 2.27 -9.54
C SER A 391 12.77 2.29 -10.92
N LEU A 392 11.94 2.18 -11.97
CA LEU A 392 12.46 2.21 -13.33
C LEU A 392 13.08 3.54 -13.67
N SER A 393 12.42 4.64 -13.28
CA SER A 393 12.95 5.96 -13.64
C SER A 393 14.24 6.26 -12.89
N ALA A 394 14.40 5.71 -11.69
CA ALA A 394 15.58 6.02 -10.89
C ALA A 394 16.85 5.46 -11.52
N ALA A 395 16.75 4.30 -12.18
CA ALA A 395 17.94 3.62 -12.67
C ALA A 395 18.40 4.14 -14.03
N THR A 396 17.68 5.10 -14.60
CA THR A 396 18.03 5.58 -15.93
C THR A 396 19.38 6.29 -15.89
N PRO A 397 20.22 6.11 -16.92
CA PRO A 397 21.53 6.77 -16.92
C PRO A 397 21.45 8.28 -16.87
N LYS A 398 20.40 8.88 -17.44
CA LYS A 398 20.23 10.31 -17.34
C LYS A 398 20.06 10.74 -15.89
N HIS A 399 19.23 10.02 -15.13
CA HIS A 399 19.06 10.34 -13.71
C HIS A 399 20.35 10.11 -12.95
N LEU A 400 21.06 9.03 -13.26
CA LEU A 400 22.32 8.76 -12.56
C LEU A 400 23.33 9.87 -12.80
N LYS A 401 23.43 10.34 -14.05
CA LYS A 401 24.37 11.41 -14.36
C LYS A 401 23.93 12.73 -13.74
N SER A 402 22.62 12.98 -13.68
CA SER A 402 22.13 14.19 -13.02
C SER A 402 22.47 14.19 -11.53
N ILE A 403 22.30 13.04 -10.88
CA ILE A 403 22.69 12.93 -9.48
C ILE A 403 24.19 13.08 -9.33
N GLY A 404 24.95 12.59 -10.31
CA GLY A 404 26.39 12.73 -10.31
C GLY A 404 27.15 11.48 -9.98
N LEU A 405 26.48 10.35 -9.72
CA LEU A 405 27.18 9.11 -9.48
C LEU A 405 27.96 8.67 -10.70
N LEU A 406 27.38 8.82 -11.88
CA LEU A 406 28.04 8.45 -13.13
C LEU A 406 28.81 9.64 -13.70
N SER A 407 30.01 9.35 -14.20
CA SER A 407 30.89 10.41 -14.69
C SER A 407 30.33 11.03 -15.96
N PRO A 408 30.60 12.33 -16.19
CA PRO A 408 30.18 12.94 -17.46
C PRO A 408 30.79 12.30 -18.68
N ASP A 409 31.94 11.65 -18.54
CA ASP A 409 32.63 11.07 -19.69
C ASP A 409 31.80 9.97 -20.34
N PHE A 410 31.15 9.14 -19.52
CA PHE A 410 30.47 7.95 -20.04
C PHE A 410 29.31 8.32 -20.96
N GLN A 411 29.20 7.59 -22.06
CA GLN A 411 28.05 7.65 -22.94
C GLN A 411 27.59 6.24 -23.26
N GLU A 412 26.28 6.08 -23.47
CA GLU A 412 25.68 4.77 -23.67
C GLU A 412 25.65 4.42 -25.15
N ASP A 413 26.00 3.18 -25.47
CA ASP A 413 26.03 2.68 -26.83
C ASP A 413 24.80 1.81 -27.10
N ASN A 414 24.78 1.18 -28.28
CA ASN A 414 23.74 0.20 -28.57
C ASN A 414 23.83 -0.98 -27.60
N GLU A 415 25.06 -1.42 -27.32
CA GLU A 415 25.25 -2.63 -26.53
C GLU A 415 24.71 -2.48 -25.12
N THR A 416 24.96 -1.33 -24.49
CA THR A 416 24.47 -1.12 -23.13
C THR A 416 22.95 -1.14 -23.08
N GLU A 417 22.30 -0.48 -24.05
CA GLU A 417 20.85 -0.49 -24.09
C GLU A 417 20.32 -1.90 -24.31
N ILE A 418 20.94 -2.66 -25.21
CA ILE A 418 20.47 -4.02 -25.47
C ILE A 418 20.62 -4.88 -24.23
N ASN A 419 21.77 -4.78 -23.55
CA ASN A 419 21.99 -5.57 -22.33
C ASN A 419 20.97 -5.22 -21.26
N PHE A 420 20.75 -3.93 -21.02
CA PHE A 420 19.80 -3.52 -19.99
C PHE A 420 18.38 -3.97 -20.33
N LEU A 421 17.98 -3.80 -21.59
CA LEU A 421 16.64 -4.19 -22.00
C LEU A 421 16.45 -5.69 -21.90
N LEU A 422 17.49 -6.47 -22.20
CA LEU A 422 17.34 -7.93 -22.12
C LEU A 422 17.31 -8.40 -20.67
N LYS A 423 18.07 -7.75 -19.78
CA LYS A 423 17.98 -8.10 -18.37
C LYS A 423 16.58 -7.79 -17.82
N GLN A 424 16.08 -6.59 -18.08
CA GLN A 424 14.73 -6.27 -17.64
C GLN A 424 13.70 -7.13 -18.35
N ALA A 425 14.03 -7.63 -19.55
CA ALA A 425 13.12 -8.54 -20.24
C ALA A 425 13.02 -9.86 -19.50
N LEU A 426 14.16 -10.47 -19.16
CA LEU A 426 14.12 -11.71 -18.39
C LEU A 426 13.44 -11.49 -17.04
N THR A 427 13.53 -10.27 -16.51
CA THR A 427 12.88 -10.00 -15.23
C THR A 427 11.36 -9.87 -15.38
N ILE A 428 10.91 -9.22 -16.45
CA ILE A 428 9.53 -8.75 -16.54
C ILE A 428 8.70 -9.56 -17.54
N VAL A 429 9.18 -9.69 -18.77
CA VAL A 429 8.41 -10.39 -19.80
C VAL A 429 8.30 -11.87 -19.48
N GLY A 430 9.36 -12.45 -18.91
CA GLY A 430 9.36 -13.88 -18.64
C GLY A 430 8.31 -14.29 -17.62
N THR A 431 8.05 -13.44 -16.63
CA THR A 431 7.12 -13.82 -15.57
C THR A 431 5.67 -13.77 -16.03
N LEU A 432 5.39 -13.06 -17.12
CA LEU A 432 4.01 -12.94 -17.58
C LEU A 432 3.42 -14.28 -18.04
N PRO A 433 4.08 -15.09 -18.87
CA PRO A 433 3.49 -16.40 -19.19
C PRO A 433 3.28 -17.27 -17.97
N PHE A 434 4.18 -17.24 -16.99
CA PHE A 434 4.02 -18.06 -15.81
C PHE A 434 2.82 -17.62 -14.98
N THR A 435 2.67 -16.30 -14.78
CA THR A 435 1.51 -15.79 -14.06
C THR A 435 0.22 -16.12 -14.79
N TYR A 436 0.21 -15.93 -16.11
CA TYR A 436 -0.96 -16.26 -16.91
C TYR A 436 -1.33 -17.73 -16.76
N MET A 437 -0.34 -18.61 -16.89
CA MET A 437 -0.61 -20.04 -16.79
C MET A 437 -1.11 -20.42 -15.40
N LEU A 438 -0.47 -19.91 -14.35
CA LEU A 438 -0.89 -20.27 -13.00
C LEU A 438 -2.30 -19.81 -12.72
N GLU A 439 -2.63 -18.57 -13.10
CA GLU A 439 -3.99 -18.09 -12.87
C GLU A 439 -5.01 -18.83 -13.71
N LYS A 440 -4.68 -19.16 -14.96
CA LYS A 440 -5.64 -19.92 -15.76
C LYS A 440 -5.89 -21.30 -15.17
N TRP A 441 -4.83 -21.99 -14.75
CA TRP A 441 -4.98 -23.29 -14.13
C TRP A 441 -5.83 -23.20 -12.86
N ARG A 442 -5.54 -22.22 -12.01
CA ARG A 442 -6.24 -22.14 -10.74
C ARG A 442 -7.69 -21.74 -10.95
N TRP A 443 -7.96 -20.83 -11.88
CA TRP A 443 -9.33 -20.45 -12.17
C TRP A 443 -10.12 -21.63 -12.72
N MET A 444 -9.51 -22.40 -13.63
CA MET A 444 -10.20 -23.56 -14.18
C MET A 444 -10.47 -24.60 -13.10
N VAL A 445 -9.50 -24.82 -12.20
CA VAL A 445 -9.70 -25.77 -11.11
C VAL A 445 -10.84 -25.31 -10.21
N PHE A 446 -10.87 -24.02 -9.87
CA PHE A 446 -11.94 -23.51 -9.02
C PHE A 446 -13.29 -23.66 -9.69
N LYS A 447 -13.37 -23.34 -10.98
CA LYS A 447 -14.64 -23.47 -11.69
C LYS A 447 -15.05 -24.93 -11.85
N GLY A 448 -14.09 -25.84 -11.81
CA GLY A 448 -14.36 -27.25 -11.99
C GLY A 448 -14.17 -27.77 -13.40
N GLU A 449 -13.65 -26.94 -14.32
CA GLU A 449 -13.41 -27.41 -15.68
C GLU A 449 -12.36 -28.52 -15.71
N ILE A 450 -11.31 -28.36 -14.93
CA ILE A 450 -10.23 -29.36 -14.84
C ILE A 450 -10.67 -30.41 -13.82
N PRO A 451 -10.83 -31.67 -14.22
CA PRO A 451 -11.18 -32.70 -13.24
C PRO A 451 -10.01 -33.05 -12.33
N LYS A 452 -10.36 -33.58 -11.16
CA LYS A 452 -9.36 -33.93 -10.16
C LYS A 452 -8.40 -34.99 -10.70
N ASP A 453 -8.91 -35.93 -11.48
CA ASP A 453 -8.06 -36.99 -12.01
C ASP A 453 -7.12 -36.47 -13.09
N GLN A 454 -7.40 -35.27 -13.62
CA GLN A 454 -6.57 -34.69 -14.68
C GLN A 454 -5.92 -33.37 -14.26
N TRP A 455 -5.90 -33.08 -12.96
CA TRP A 455 -5.30 -31.84 -12.47
C TRP A 455 -3.91 -31.61 -13.05
N MET A 456 -2.96 -32.49 -12.71
CA MET A 456 -1.58 -32.26 -13.10
C MET A 456 -1.35 -32.48 -14.59
N LYS A 457 -2.11 -33.39 -15.20
CA LYS A 457 -1.99 -33.57 -16.65
C LYS A 457 -2.34 -32.28 -17.37
N LYS A 458 -3.45 -31.65 -17.01
CA LYS A 458 -3.83 -30.40 -17.64
C LYS A 458 -2.85 -29.29 -17.27
N TRP A 459 -2.36 -29.28 -16.03
CA TRP A 459 -1.37 -28.29 -15.62
C TRP A 459 -0.15 -28.34 -16.52
N TRP A 460 0.44 -29.52 -16.70
CA TRP A 460 1.66 -29.62 -17.48
C TRP A 460 1.39 -29.45 -18.97
N GLU A 461 0.23 -29.89 -19.45
CA GLU A 461 -0.11 -29.66 -20.85
C GLU A 461 -0.23 -28.16 -21.14
N MET A 462 -0.87 -27.42 -20.23
CA MET A 462 -1.03 -25.99 -20.45
C MET A 462 0.30 -25.26 -20.29
N LYS A 463 1.16 -25.73 -19.38
CA LYS A 463 2.51 -25.15 -19.29
C LYS A 463 3.30 -25.39 -20.56
N ARG A 464 3.18 -26.59 -21.14
CA ARG A 464 3.89 -26.90 -22.37
C ARG A 464 3.36 -26.07 -23.53
N GLU A 465 2.05 -25.85 -23.58
CA GLU A 465 1.47 -25.10 -24.68
C GLU A 465 1.74 -23.60 -24.55
N ILE A 466 1.65 -23.06 -23.34
CA ILE A 466 1.69 -21.62 -23.14
C ILE A 466 3.10 -21.14 -22.78
N VAL A 467 3.64 -21.59 -21.64
CA VAL A 467 4.92 -21.12 -21.17
C VAL A 467 6.09 -21.74 -21.95
N GLY A 468 5.84 -22.78 -22.73
CA GLY A 468 6.91 -23.42 -23.46
C GLY A 468 7.93 -24.09 -22.56
N VAL A 469 7.46 -24.75 -21.51
CA VAL A 469 8.32 -25.41 -20.53
C VAL A 469 7.88 -26.86 -20.42
N VAL A 470 8.83 -27.78 -20.46
CA VAL A 470 8.57 -29.21 -20.43
C VAL A 470 9.15 -29.80 -19.15
N GLU A 471 8.39 -30.69 -18.51
CA GLU A 471 8.82 -31.29 -17.27
C GLU A 471 10.00 -32.22 -17.50
N PRO A 472 11.06 -32.14 -16.71
CA PRO A 472 12.20 -33.04 -16.89
C PRO A 472 11.84 -34.50 -16.65
N VAL A 473 11.32 -34.79 -15.46
CA VAL A 473 10.91 -36.15 -15.10
C VAL A 473 9.38 -36.18 -15.10
N PRO A 474 8.76 -37.10 -15.85
CA PRO A 474 7.30 -37.12 -15.92
C PRO A 474 6.69 -37.39 -14.55
N HIS A 475 5.58 -36.71 -14.27
CA HIS A 475 4.94 -36.75 -12.96
C HIS A 475 3.49 -37.15 -13.12
N ASP A 476 3.05 -38.11 -12.30
CA ASP A 476 1.69 -38.62 -12.33
C ASP A 476 0.82 -37.77 -11.42
N GLU A 477 -0.39 -38.25 -11.13
CA GLU A 477 -1.35 -37.44 -10.39
C GLU A 477 -0.99 -37.31 -8.91
N THR A 478 -0.11 -38.18 -8.42
CA THR A 478 0.28 -38.09 -7.01
C THR A 478 0.96 -36.77 -6.71
N TYR A 479 1.81 -36.30 -7.62
CA TYR A 479 2.44 -34.99 -7.46
C TYR A 479 1.38 -33.89 -7.56
N CYS A 480 1.66 -32.77 -6.90
CA CYS A 480 0.85 -31.56 -7.04
C CYS A 480 1.82 -30.41 -7.29
N ASP A 481 2.17 -30.21 -8.55
CA ASP A 481 3.22 -29.28 -8.94
C ASP A 481 2.94 -27.85 -8.50
N PRO A 482 1.73 -27.30 -8.67
CA PRO A 482 1.49 -25.93 -8.21
C PRO A 482 1.69 -25.74 -6.72
N ALA A 483 1.52 -26.78 -5.91
CA ALA A 483 1.56 -26.60 -4.46
C ALA A 483 2.93 -26.13 -3.99
N SER A 484 3.96 -26.32 -4.79
CA SER A 484 5.31 -25.95 -4.39
C SER A 484 5.46 -24.43 -4.28
N LEU A 485 4.77 -23.69 -5.14
CA LEU A 485 4.93 -22.23 -5.16
C LEU A 485 4.34 -21.61 -3.91
N PHE A 486 5.00 -20.53 -3.44
CA PHE A 486 4.61 -19.90 -2.18
C PHE A 486 3.20 -19.37 -2.23
N HIS A 487 2.83 -18.68 -3.31
CA HIS A 487 1.51 -18.08 -3.38
C HIS A 487 0.42 -19.14 -3.46
N VAL A 488 0.69 -20.24 -4.17
CA VAL A 488 -0.28 -21.33 -4.22
C VAL A 488 -0.44 -21.97 -2.85
N SER A 489 0.67 -22.19 -2.16
CA SER A 489 0.61 -22.85 -0.85
C SER A 489 -0.11 -21.99 0.18
N ASN A 490 0.19 -20.69 0.21
CA ASN A 490 -0.34 -19.79 1.23
C ASN A 490 -1.59 -19.05 0.77
N ASP A 491 -2.14 -19.43 -0.38
CA ASP A 491 -3.39 -18.86 -0.90
C ASP A 491 -3.29 -17.35 -1.09
N TYR A 492 -2.44 -16.96 -2.03
CA TYR A 492 -2.33 -15.58 -2.48
C TYR A 492 -2.73 -15.49 -3.94
N SER A 493 -3.46 -14.43 -4.28
CA SER A 493 -3.81 -14.17 -5.67
C SER A 493 -2.54 -13.86 -6.47
N PHE A 494 -2.51 -14.28 -7.73
CA PHE A 494 -1.32 -14.14 -8.54
C PHE A 494 -1.50 -13.25 -9.76
N ILE A 495 -2.75 -12.93 -10.13
CA ILE A 495 -2.98 -12.07 -11.29
C ILE A 495 -2.57 -10.63 -11.00
N ARG A 496 -2.33 -10.30 -9.74
CA ARG A 496 -1.87 -8.97 -9.38
C ARG A 496 -0.56 -8.64 -10.08
N TYR A 497 0.32 -9.64 -10.23
CA TYR A 497 1.61 -9.39 -10.85
C TYR A 497 1.47 -9.09 -12.34
N TYR A 498 0.60 -9.81 -13.03
CA TYR A 498 0.33 -9.52 -14.44
C TYR A 498 -0.24 -8.12 -14.61
N THR A 499 -1.23 -7.77 -13.79
CA THR A 499 -1.82 -6.45 -13.89
C THR A 499 -0.80 -5.36 -13.59
N ARG A 500 0.04 -5.57 -12.58
CA ARG A 500 1.10 -4.63 -12.26
C ARG A 500 2.05 -4.44 -13.43
N THR A 501 2.43 -5.56 -14.06
CA THR A 501 3.37 -5.50 -15.16
C THR A 501 2.83 -4.67 -16.32
N LEU A 502 1.54 -4.82 -16.63
CA LEU A 502 0.98 -3.97 -17.68
C LEU A 502 0.83 -2.52 -17.22
N TYR A 503 0.35 -2.31 -15.99
CA TYR A 503 0.04 -0.97 -15.52
C TYR A 503 1.27 -0.10 -15.41
N GLN A 504 2.40 -0.67 -14.98
CA GLN A 504 3.58 0.16 -14.79
C GLN A 504 4.04 0.76 -16.11
N PHE A 505 3.96 -0.01 -17.19
CA PHE A 505 4.39 0.51 -18.47
C PHE A 505 3.35 1.45 -19.08
N GLN A 506 2.06 1.21 -18.81
CA GLN A 506 1.09 2.22 -19.22
C GLN A 506 1.32 3.54 -18.50
N PHE A 507 1.57 3.50 -17.19
CA PHE A 507 1.90 4.69 -16.42
C PHE A 507 3.14 5.37 -16.99
N GLN A 508 4.17 4.58 -17.31
CA GLN A 508 5.41 5.15 -17.80
C GLN A 508 5.22 5.82 -19.14
N GLU A 509 4.45 5.21 -20.04
CA GLU A 509 4.16 5.85 -21.32
C GLU A 509 3.42 7.17 -21.12
N ALA A 510 2.41 7.17 -20.25
CA ALA A 510 1.65 8.39 -20.01
C ALA A 510 2.55 9.49 -19.43
N LEU A 511 3.37 9.15 -18.44
CA LEU A 511 4.17 10.18 -17.79
C LEU A 511 5.34 10.61 -18.67
N CYS A 512 5.78 9.76 -19.59
CA CYS A 512 6.82 10.18 -20.52
C CYS A 512 6.26 11.11 -21.58
N GLN A 513 5.03 10.86 -22.02
CA GLN A 513 4.35 11.85 -22.87
C GLN A 513 4.17 13.16 -22.11
N ALA A 514 3.84 13.08 -20.82
CA ALA A 514 3.71 14.29 -20.01
C ALA A 514 5.02 15.04 -19.92
N ALA A 515 6.14 14.31 -19.78
CA ALA A 515 7.45 14.93 -19.65
C ALA A 515 8.05 15.32 -20.99
N LYS A 516 7.37 15.04 -22.10
CA LYS A 516 7.83 15.43 -23.43
C LYS A 516 9.21 14.86 -23.73
N HIS A 517 9.34 13.55 -23.55
CA HIS A 517 10.57 12.86 -23.90
C HIS A 517 10.57 12.50 -25.38
N GLU A 518 11.74 12.63 -26.00
CA GLU A 518 11.93 12.26 -27.39
C GLU A 518 12.99 11.17 -27.46
N GLY A 519 12.62 10.02 -28.02
CA GLY A 519 13.52 8.90 -28.12
C GLY A 519 12.92 7.61 -27.58
N PRO A 520 13.76 6.62 -27.31
CA PRO A 520 13.27 5.36 -26.77
C PRO A 520 12.72 5.53 -25.36
N LEU A 521 11.77 4.68 -25.00
CA LEU A 521 11.09 4.82 -23.73
C LEU A 521 12.00 4.45 -22.55
N HIS A 522 13.04 3.66 -22.79
CA HIS A 522 13.84 3.18 -21.66
C HIS A 522 14.67 4.30 -21.05
N LYS A 523 15.14 5.25 -21.86
CA LYS A 523 15.95 6.35 -21.38
C LYS A 523 15.06 7.57 -21.09
N CYS A 524 14.07 7.34 -20.23
CA CYS A 524 13.08 8.34 -19.88
C CYS A 524 13.17 8.64 -18.39
N ASP A 525 13.38 9.90 -18.05
CA ASP A 525 13.44 10.36 -16.67
C ASP A 525 12.34 11.38 -16.44
N ILE A 526 11.54 11.18 -15.41
CA ILE A 526 10.44 12.07 -15.08
C ILE A 526 10.79 12.99 -13.91
N SER A 527 12.08 13.22 -13.66
CA SER A 527 12.51 13.91 -12.45
C SER A 527 11.94 15.32 -12.37
N ASN A 528 12.31 16.18 -13.32
CA ASN A 528 12.02 17.59 -13.20
C ASN A 528 10.72 18.02 -13.86
N SER A 529 9.94 17.08 -14.40
CA SER A 529 8.68 17.44 -15.05
C SER A 529 7.56 17.48 -14.02
N THR A 530 7.04 18.68 -13.77
CA THR A 530 5.93 18.85 -12.83
C THR A 530 4.58 18.52 -13.43
N GLU A 531 4.50 18.40 -14.76
CA GLU A 531 3.26 17.93 -15.37
C GLU A 531 3.03 16.46 -15.06
N ALA A 532 4.07 15.63 -15.19
CA ALA A 532 3.94 14.22 -14.90
C ALA A 532 3.60 13.97 -13.44
N GLY A 533 4.23 14.72 -12.53
CA GLY A 533 3.93 14.56 -11.13
C GLY A 533 2.49 14.88 -10.79
N GLN A 534 1.95 15.95 -11.37
CA GLN A 534 0.55 16.30 -11.12
C GLN A 534 -0.38 15.26 -11.74
N LYS A 535 -0.06 14.79 -12.94
CA LYS A 535 -0.88 13.77 -13.58
C LYS A 535 -0.92 12.50 -12.75
N LEU A 536 0.20 12.16 -12.11
CA LEU A 536 0.20 11.01 -11.21
C LEU A 536 -0.58 11.30 -9.94
N PHE A 537 -0.39 12.48 -9.36
CA PHE A 537 -1.05 12.81 -8.10
C PHE A 537 -2.56 12.80 -8.23
N ASN A 538 -3.06 13.09 -9.44
CA ASN A 538 -4.50 13.02 -9.67
C ASN A 538 -5.05 11.64 -9.31
N MET A 539 -4.37 10.57 -9.74
CA MET A 539 -4.80 9.23 -9.36
C MET A 539 -4.41 8.90 -7.93
N LEU A 540 -3.23 9.36 -7.51
CA LEU A 540 -2.74 8.99 -6.18
C LEU A 540 -3.68 9.47 -5.09
N ARG A 541 -4.30 10.64 -5.28
CA ARG A 541 -5.17 11.18 -4.23
C ARG A 541 -6.50 10.46 -4.14
N LEU A 542 -6.95 9.84 -5.24
CA LEU A 542 -8.30 9.27 -5.27
C LEU A 542 -8.44 8.12 -4.28
N GLY A 543 -7.45 7.24 -4.23
CA GLY A 543 -7.63 6.02 -3.45
C GLY A 543 -8.64 5.12 -4.12
N LYS A 544 -9.51 4.50 -3.33
CA LYS A 544 -10.55 3.63 -3.86
C LYS A 544 -11.87 4.35 -4.08
N SER A 545 -11.91 5.66 -3.84
CA SER A 545 -13.18 6.39 -3.96
C SER A 545 -13.75 6.28 -5.37
N GLU A 546 -12.96 6.61 -6.36
CA GLU A 546 -13.37 6.43 -7.74
C GLU A 546 -13.01 5.03 -8.20
N PRO A 547 -13.70 4.51 -9.21
CA PRO A 547 -13.34 3.19 -9.75
C PRO A 547 -11.96 3.21 -10.38
N TRP A 548 -11.30 2.04 -10.32
CA TRP A 548 -9.96 1.91 -10.89
C TRP A 548 -9.97 2.20 -12.38
N THR A 549 -11.09 1.92 -13.05
CA THR A 549 -11.18 2.27 -14.47
C THR A 549 -11.06 3.77 -14.66
N LEU A 550 -11.74 4.55 -13.82
CA LEU A 550 -11.64 6.00 -13.91
C LEU A 550 -10.24 6.49 -13.54
N ALA A 551 -9.61 5.87 -12.55
CA ALA A 551 -8.24 6.27 -12.21
C ALA A 551 -7.29 6.03 -13.38
N LEU A 552 -7.42 4.86 -14.01
CA LEU A 552 -6.56 4.55 -15.16
C LEU A 552 -6.87 5.46 -16.34
N GLU A 553 -8.14 5.83 -16.51
CA GLU A 553 -8.48 6.81 -17.53
C GLU A 553 -7.79 8.14 -17.25
N ASN A 554 -7.82 8.58 -15.99
CA ASN A 554 -7.20 9.84 -15.62
C ASN A 554 -5.71 9.83 -15.94
N VAL A 555 -5.03 8.72 -15.64
CA VAL A 555 -3.58 8.71 -15.82
C VAL A 555 -3.21 8.52 -17.29
N VAL A 556 -3.71 7.46 -17.94
CA VAL A 556 -3.18 7.05 -19.23
C VAL A 556 -4.12 7.29 -20.41
N GLY A 557 -5.30 7.89 -20.18
CA GLY A 557 -6.21 8.14 -21.27
C GLY A 557 -6.99 6.95 -21.76
N ALA A 558 -6.93 5.81 -21.07
CA ALA A 558 -7.66 4.62 -21.47
C ALA A 558 -8.34 4.01 -20.26
N LYS A 559 -9.49 3.38 -20.50
CA LYS A 559 -10.26 2.74 -19.45
C LYS A 559 -9.88 1.28 -19.22
N ASN A 560 -9.04 0.71 -20.08
CA ASN A 560 -8.70 -0.70 -20.01
C ASN A 560 -7.19 -0.85 -20.14
N MET A 561 -6.67 -1.95 -19.58
CA MET A 561 -5.24 -2.22 -19.65
C MET A 561 -4.84 -2.59 -21.07
N ASN A 562 -3.71 -2.05 -21.51
CA ASN A 562 -3.17 -2.31 -22.85
C ASN A 562 -1.69 -2.63 -22.74
N VAL A 563 -1.24 -3.61 -23.55
CA VAL A 563 0.16 -3.99 -23.55
C VAL A 563 0.97 -3.21 -24.58
N ARG A 564 0.32 -2.35 -25.34
CA ARG A 564 1.05 -1.50 -26.30
C ARG A 564 2.17 -0.70 -25.66
N PRO A 565 2.00 -0.10 -24.46
CA PRO A 565 3.16 0.53 -23.82
C PRO A 565 4.32 -0.42 -23.57
N LEU A 566 4.04 -1.66 -23.15
CA LEU A 566 5.10 -2.61 -22.90
C LEU A 566 5.84 -2.96 -24.19
N LEU A 567 5.09 -3.16 -25.27
CA LEU A 567 5.72 -3.50 -26.53
C LEU A 567 6.52 -2.32 -27.07
N ASN A 568 6.03 -1.09 -26.86
CA ASN A 568 6.82 0.08 -27.23
C ASN A 568 8.09 0.18 -26.40
N TYR A 569 8.01 -0.24 -25.13
CA TYR A 569 9.19 -0.22 -24.26
C TYR A 569 10.24 -1.20 -24.76
N PHE A 570 9.82 -2.39 -25.19
CA PHE A 570 10.76 -3.43 -25.57
C PHE A 570 10.95 -3.55 -27.08
N GLU A 571 10.48 -2.57 -27.85
CA GLU A 571 10.71 -2.58 -29.29
C GLU A 571 12.17 -2.69 -29.70
N PRO A 572 13.12 -1.97 -29.09
CA PRO A 572 14.53 -2.18 -29.49
C PRO A 572 15.00 -3.61 -29.29
N LEU A 573 14.66 -4.22 -28.16
CA LEU A 573 15.00 -5.63 -27.95
C LEU A 573 14.25 -6.51 -28.93
N PHE A 574 13.04 -6.12 -29.33
CA PHE A 574 12.28 -6.92 -30.27
C PHE A 574 12.97 -6.94 -31.63
N THR A 575 13.48 -5.79 -32.08
CA THR A 575 14.24 -5.73 -33.32
C THR A 575 15.54 -6.52 -33.20
N TRP A 576 16.25 -6.36 -32.08
CA TRP A 576 17.50 -7.10 -31.89
C TRP A 576 17.24 -8.60 -31.88
N LEU A 577 16.11 -9.02 -31.32
CA LEU A 577 15.77 -10.44 -31.28
C LEU A 577 15.41 -10.96 -32.67
N LYS A 578 14.71 -10.15 -33.46
CA LYS A 578 14.51 -10.52 -34.86
C LYS A 578 15.84 -10.74 -35.55
N ASP A 579 16.79 -9.83 -35.34
CA ASP A 579 18.08 -9.95 -36.01
C ASP A 579 18.83 -11.20 -35.54
N GLN A 580 18.84 -11.46 -34.23
CA GLN A 580 19.62 -12.58 -33.71
C GLN A 580 18.95 -13.92 -33.99
N ASN A 581 17.64 -13.93 -34.22
CA ASN A 581 16.91 -15.17 -34.41
C ASN A 581 16.71 -15.52 -35.88
N LYS A 582 17.48 -14.92 -36.78
CA LYS A 582 17.37 -15.26 -38.19
C LYS A 582 17.78 -16.71 -38.44
N ASN A 583 18.81 -17.18 -37.75
CA ASN A 583 19.30 -18.54 -37.88
C ASN A 583 18.75 -19.47 -36.80
N SER A 584 17.81 -18.99 -35.99
CA SER A 584 17.23 -19.79 -34.92
C SER A 584 15.73 -19.96 -35.18
N PHE A 585 15.22 -21.15 -34.88
CA PHE A 585 13.81 -21.43 -35.07
C PHE A 585 12.97 -20.64 -34.07
N VAL A 586 11.87 -20.07 -34.54
CA VAL A 586 10.94 -19.32 -33.69
C VAL A 586 9.72 -20.19 -33.45
N GLY A 587 9.28 -20.25 -32.20
CA GLY A 587 8.23 -21.15 -31.77
C GLY A 587 8.80 -22.42 -31.17
N TRP A 588 7.93 -23.12 -30.44
CA TRP A 588 8.31 -24.35 -29.76
C TRP A 588 7.34 -25.46 -30.11
N SER A 589 7.87 -26.69 -30.12
CA SER A 589 7.08 -27.89 -30.40
C SER A 589 6.78 -28.61 -29.10
N THR A 590 5.53 -29.00 -28.92
CA THR A 590 5.12 -29.60 -27.65
C THR A 590 5.60 -31.04 -27.51
N ASP A 591 5.72 -31.77 -28.62
CA ASP A 591 5.91 -33.22 -28.53
C ASP A 591 7.18 -33.61 -27.77
N TRP A 592 8.27 -32.89 -27.99
CA TRP A 592 9.55 -33.26 -27.37
C TRP A 592 9.47 -33.19 -25.87
N SER A 593 10.13 -34.13 -25.20
CA SER A 593 10.29 -34.14 -23.76
C SER A 593 11.62 -34.77 -23.42
N PRO A 594 12.24 -34.37 -22.29
CA PRO A 594 13.49 -35.02 -21.89
C PRO A 594 13.36 -36.52 -21.69
N TYR A 595 12.20 -36.97 -21.22
CA TYR A 595 11.98 -38.40 -21.05
C TYR A 595 11.45 -39.02 -22.33
N ALA A 596 12.09 -40.10 -22.76
CA ALA A 596 11.72 -40.82 -23.99
C ALA A 596 11.69 -39.88 -25.19
N ILE B 14 2.99 49.63 37.56
CA ILE B 14 1.70 49.45 36.91
C ILE B 14 0.72 48.83 37.90
N THR B 15 -0.54 49.27 37.84
CA THR B 15 -1.52 48.82 38.82
C THR B 15 -1.88 47.35 38.65
N ASN B 16 -2.19 46.95 37.42
CA ASN B 16 -2.74 45.62 37.19
C ASN B 16 -2.21 45.05 35.88
N LEU B 17 -2.14 43.72 35.82
CA LEU B 17 -1.83 42.98 34.61
C LEU B 17 -2.86 41.88 34.44
N CYS B 18 -3.34 41.70 33.21
CA CYS B 18 -4.39 40.74 32.96
C CYS B 18 -3.87 39.32 33.14
N PRO B 19 -4.72 38.41 33.64
CA PRO B 19 -4.31 37.02 33.90
C PRO B 19 -4.08 36.22 32.62
N PHE B 20 -3.15 36.70 31.79
CA PHE B 20 -2.79 35.94 30.60
C PHE B 20 -2.05 34.65 30.96
N HIS B 21 -1.32 34.66 32.09
CA HIS B 21 -0.62 33.46 32.51
C HIS B 21 -1.57 32.47 33.16
N GLU B 22 -2.87 32.81 33.24
CA GLU B 22 -3.86 31.86 33.72
C GLU B 22 -4.61 31.20 32.57
N VAL B 23 -5.04 32.00 31.58
CA VAL B 23 -5.69 31.42 30.41
C VAL B 23 -4.73 30.53 29.63
N PHE B 24 -3.49 30.99 29.45
CA PHE B 24 -2.41 30.14 28.99
C PHE B 24 -1.72 29.49 30.19
N ASN B 25 -0.97 28.43 29.91
CA ASN B 25 -0.26 27.69 30.96
C ASN B 25 -1.22 27.17 32.04
N ALA B 26 -2.40 26.70 31.63
CA ALA B 26 -3.36 26.20 32.61
C ALA B 26 -3.15 24.71 32.88
N THR B 27 -2.29 24.06 32.10
CA THR B 27 -1.90 22.65 32.26
C THR B 27 -3.07 21.69 32.01
N THR B 28 -4.26 22.22 31.74
CA THR B 28 -5.42 21.42 31.39
C THR B 28 -6.44 22.34 30.74
N PHE B 29 -6.73 22.09 29.45
CA PHE B 29 -7.64 22.95 28.70
C PHE B 29 -9.00 22.32 28.49
N ALA B 30 -9.34 21.27 29.23
CA ALA B 30 -10.61 20.56 29.09
C ALA B 30 -10.72 20.06 27.64
N SER B 31 -11.93 20.04 27.09
CA SER B 31 -12.15 19.54 25.74
C SER B 31 -12.96 20.55 24.96
N VAL B 32 -12.99 20.36 23.64
CA VAL B 32 -13.62 21.34 22.75
C VAL B 32 -15.14 21.32 22.95
N TYR B 33 -15.70 20.18 23.35
CA TYR B 33 -17.15 20.12 23.53
C TYR B 33 -17.57 20.92 24.76
N ALA B 34 -16.75 20.93 25.80
CA ALA B 34 -16.98 21.74 26.98
C ALA B 34 -15.81 22.71 27.13
N TRP B 35 -15.89 23.84 26.44
CA TRP B 35 -14.79 24.78 26.40
C TRP B 35 -14.82 25.70 27.61
N ASN B 36 -13.64 26.00 28.15
CA ASN B 36 -13.55 26.89 29.30
C ASN B 36 -13.87 28.32 28.87
N ARG B 37 -14.84 28.91 29.56
CA ARG B 37 -15.26 30.30 29.32
C ARG B 37 -14.75 31.15 30.47
N LYS B 38 -13.68 31.88 30.24
CA LYS B 38 -13.05 32.69 31.26
C LYS B 38 -13.25 34.16 30.91
N ARG B 39 -13.60 34.97 31.91
CA ARG B 39 -13.87 36.39 31.72
C ARG B 39 -12.65 37.17 32.18
N ILE B 40 -12.10 38.00 31.29
CA ILE B 40 -10.96 38.85 31.58
C ILE B 40 -11.44 40.30 31.56
N SER B 41 -11.32 40.98 32.70
CA SER B 41 -11.78 42.36 32.82
C SER B 41 -11.06 43.03 33.97
N ASN B 42 -11.15 44.36 33.99
CA ASN B 42 -10.60 45.19 35.07
C ASN B 42 -9.10 44.96 35.23
N CYS B 43 -8.39 44.85 34.10
CA CYS B 43 -6.96 44.67 34.11
C CYS B 43 -6.35 45.25 32.84
N VAL B 44 -5.06 45.53 32.90
CA VAL B 44 -4.33 46.01 31.73
C VAL B 44 -3.88 44.81 30.91
N ALA B 45 -4.29 44.76 29.64
CA ALA B 45 -3.99 43.65 28.75
C ALA B 45 -2.67 43.94 28.03
N ASP B 46 -1.64 43.17 28.35
CA ASP B 46 -0.32 43.31 27.73
C ASP B 46 -0.06 42.08 26.89
N TYR B 47 0.09 42.28 25.58
CA TYR B 47 0.34 41.19 24.64
C TYR B 47 1.82 40.89 24.49
N SER B 48 2.69 41.62 25.19
CA SER B 48 4.11 41.33 25.16
C SER B 48 4.38 39.94 25.72
N VAL B 49 3.72 39.57 26.83
CA VAL B 49 3.90 38.23 27.38
C VAL B 49 3.31 37.18 26.45
N ILE B 50 2.20 37.50 25.78
CA ILE B 50 1.60 36.56 24.83
C ILE B 50 2.58 36.25 23.70
N TYR B 51 3.23 37.29 23.16
CA TYR B 51 4.28 37.04 22.18
C TYR B 51 5.47 36.30 22.80
N ASN B 52 5.80 36.61 24.06
CA ASN B 52 6.92 35.96 24.74
C ASN B 52 6.66 34.50 25.05
N PHE B 53 5.42 34.03 24.92
CA PHE B 53 5.14 32.61 25.10
C PHE B 53 5.58 31.83 23.87
N ALA B 54 5.23 30.55 23.81
CA ALA B 54 5.79 29.66 22.79
C ALA B 54 5.38 30.13 21.39
N PRO B 55 6.21 29.86 20.37
CA PRO B 55 5.86 30.25 19.00
C PRO B 55 4.52 29.65 18.59
N PHE B 56 3.72 30.45 17.90
CA PHE B 56 2.33 30.10 17.62
C PHE B 56 2.20 29.55 16.22
N PHE B 57 1.57 28.37 16.11
CA PHE B 57 1.28 27.80 14.81
C PHE B 57 0.31 28.68 14.02
N ALA B 58 -0.69 29.22 14.70
CA ALA B 58 -1.66 30.10 14.07
C ALA B 58 -1.99 31.25 15.01
N PHE B 59 -1.65 32.48 14.60
CA PHE B 59 -1.98 33.70 15.33
C PHE B 59 -2.61 34.67 14.35
N LYS B 60 -3.92 34.55 14.16
CA LYS B 60 -4.67 35.33 13.18
C LYS B 60 -5.68 36.20 13.90
N CYS B 61 -5.69 37.49 13.58
CA CYS B 61 -6.57 38.46 14.21
C CYS B 61 -7.58 38.97 13.19
N TYR B 62 -8.86 38.82 13.51
CA TYR B 62 -9.92 39.20 12.57
C TYR B 62 -10.44 40.60 12.84
N GLY B 63 -10.97 40.83 14.04
CA GLY B 63 -11.60 42.12 14.32
C GLY B 63 -10.63 43.18 14.78
N VAL B 64 -9.70 42.81 15.65
CA VAL B 64 -8.75 43.74 16.24
C VAL B 64 -7.41 43.57 15.55
N SER B 65 -6.84 44.67 15.07
CA SER B 65 -5.58 44.60 14.35
C SER B 65 -4.47 44.13 15.28
N PRO B 66 -3.52 43.32 14.78
CA PRO B 66 -2.40 42.91 15.64
C PRO B 66 -1.59 44.09 16.17
N THR B 67 -1.43 45.14 15.35
CA THR B 67 -0.70 46.31 15.83
C THR B 67 -1.50 47.07 16.87
N LYS B 68 -2.81 47.20 16.66
CA LYS B 68 -3.68 47.98 17.53
C LYS B 68 -4.27 47.15 18.66
N LEU B 69 -3.76 45.93 18.88
CA LEU B 69 -4.23 45.12 20.00
C LEU B 69 -4.12 45.87 21.32
N ASN B 70 -2.96 46.47 21.59
CA ASN B 70 -2.79 47.22 22.83
C ASN B 70 -3.55 48.54 22.79
N ASP B 71 -3.64 49.17 21.62
CA ASP B 71 -4.26 50.48 21.52
C ASP B 71 -5.75 50.42 21.82
N LEU B 72 -6.45 49.44 21.26
CA LEU B 72 -7.89 49.35 21.44
C LEU B 72 -8.23 48.88 22.86
N CYS B 73 -9.35 49.37 23.37
CA CYS B 73 -9.82 49.05 24.71
C CYS B 73 -11.21 48.43 24.63
N PHE B 74 -11.49 47.47 25.50
CA PHE B 74 -12.75 46.75 25.50
C PHE B 74 -13.28 46.62 26.91
N THR B 75 -14.60 46.47 27.03
CA THR B 75 -15.22 46.33 28.34
C THR B 75 -14.89 44.97 28.96
N ASN B 76 -15.05 43.89 28.21
CA ASN B 76 -14.83 42.55 28.72
C ASN B 76 -14.08 41.73 27.67
N VAL B 77 -13.23 40.82 28.14
CA VAL B 77 -12.46 39.94 27.29
C VAL B 77 -12.76 38.50 27.69
N TYR B 78 -13.08 37.66 26.71
CA TYR B 78 -13.38 36.26 26.93
C TYR B 78 -12.36 35.40 26.20
N ALA B 79 -11.74 34.47 26.92
CA ALA B 79 -10.79 33.53 26.34
C ALA B 79 -11.34 32.12 26.47
N ASP B 80 -11.38 31.40 25.36
CA ASP B 80 -11.87 30.03 25.31
C ASP B 80 -10.70 29.09 25.04
N SER B 81 -10.43 28.18 25.96
CA SER B 81 -9.31 27.26 25.87
C SER B 81 -9.82 25.85 25.58
N PHE B 82 -9.23 25.21 24.58
CA PHE B 82 -9.58 23.83 24.23
C PHE B 82 -8.44 23.22 23.43
N VAL B 83 -8.46 21.89 23.33
CA VAL B 83 -7.45 21.13 22.60
C VAL B 83 -8.12 20.47 21.41
N ILE B 84 -7.58 20.72 20.22
CA ILE B 84 -8.11 20.17 18.98
C ILE B 84 -6.95 19.68 18.13
N ARG B 85 -7.29 18.84 17.14
CA ARG B 85 -6.27 18.28 16.26
C ARG B 85 -5.74 19.34 15.30
N GLY B 86 -4.71 18.95 14.55
CA GLY B 86 -4.05 19.90 13.66
C GLY B 86 -4.95 20.38 12.54
N ASN B 87 -5.67 19.47 11.89
CA ASN B 87 -6.52 19.87 10.78
C ASN B 87 -7.78 20.56 11.25
N GLU B 88 -8.14 20.38 12.53
CA GLU B 88 -9.31 21.05 13.08
C GLU B 88 -9.05 22.52 13.41
N VAL B 89 -7.81 22.97 13.33
CA VAL B 89 -7.50 24.37 13.65
C VAL B 89 -8.19 25.29 12.65
N SER B 90 -8.20 24.91 11.38
CA SER B 90 -8.76 25.79 10.35
C SER B 90 -10.27 25.98 10.54
N GLN B 91 -10.95 25.00 11.14
CA GLN B 91 -12.39 25.11 11.30
C GLN B 91 -12.76 26.18 12.33
N ILE B 92 -11.83 26.57 13.18
CA ILE B 92 -12.08 27.63 14.16
C ILE B 92 -11.76 28.97 13.51
N ALA B 93 -12.70 29.49 12.74
CA ALA B 93 -12.51 30.73 11.99
C ALA B 93 -13.87 31.17 11.49
N PRO B 94 -14.05 32.48 11.24
CA PRO B 94 -15.35 32.94 10.73
C PRO B 94 -15.66 32.38 9.35
N GLY B 95 -16.87 31.86 9.20
CA GLY B 95 -17.35 31.37 7.92
C GLY B 95 -16.88 30.00 7.53
N GLN B 96 -16.20 29.27 8.41
CA GLN B 96 -15.70 27.94 8.10
C GLN B 96 -16.61 26.89 8.73
N THR B 97 -16.96 25.88 7.95
CA THR B 97 -17.85 24.81 8.39
C THR B 97 -17.08 23.50 8.46
N GLY B 98 -17.33 22.74 9.51
CA GLY B 98 -16.68 21.45 9.72
C GLY B 98 -17.29 20.80 10.95
N ASN B 99 -16.86 19.58 11.23
CA ASN B 99 -17.41 18.84 12.36
C ASN B 99 -17.24 19.62 13.67
N ILE B 100 -16.01 20.05 13.95
CA ILE B 100 -15.75 20.79 15.18
C ILE B 100 -16.51 22.11 15.18
N ALA B 101 -16.49 22.81 14.04
CA ALA B 101 -17.10 24.13 13.97
C ALA B 101 -18.61 24.06 14.25
N ASP B 102 -19.29 23.05 13.71
CA ASP B 102 -20.74 23.05 13.82
C ASP B 102 -21.22 22.33 15.07
N TYR B 103 -20.48 21.33 15.57
CA TYR B 103 -20.98 20.54 16.67
C TYR B 103 -20.27 20.80 18.00
N ASN B 104 -19.15 21.52 18.01
CA ASN B 104 -18.45 21.74 19.27
C ASN B 104 -18.41 23.22 19.66
N TYR B 105 -17.87 24.06 18.78
CA TYR B 105 -17.66 25.46 19.09
C TYR B 105 -17.72 26.27 17.80
N LYS B 106 -18.52 27.33 17.81
CA LYS B 106 -18.74 28.15 16.63
C LYS B 106 -18.31 29.58 16.91
N LEU B 107 -17.32 30.06 16.15
CA LEU B 107 -16.99 31.48 16.18
C LEU B 107 -18.07 32.27 15.44
N PRO B 108 -18.55 33.36 16.01
CA PRO B 108 -19.64 34.10 15.37
C PRO B 108 -19.21 34.70 14.04
N ASP B 109 -20.21 35.07 13.24
CA ASP B 109 -19.94 35.60 11.90
C ASP B 109 -19.11 36.87 11.96
N ASP B 110 -19.39 37.72 12.94
CA ASP B 110 -18.71 39.00 13.09
C ASP B 110 -17.75 38.98 14.28
N PHE B 111 -17.05 37.86 14.45
CA PHE B 111 -16.15 37.71 15.59
C PHE B 111 -15.01 38.72 15.52
N THR B 112 -14.68 39.30 16.67
CA THR B 112 -13.54 40.20 16.81
C THR B 112 -12.59 39.61 17.82
N GLY B 113 -11.34 39.44 17.42
CA GLY B 113 -10.33 38.88 18.31
C GLY B 113 -9.24 38.20 17.51
N CYS B 114 -8.42 37.45 18.23
CA CYS B 114 -7.32 36.70 17.65
C CYS B 114 -7.41 35.25 18.08
N VAL B 115 -7.18 34.34 17.14
CA VAL B 115 -7.11 32.91 17.43
C VAL B 115 -5.65 32.55 17.68
N ILE B 116 -5.36 32.01 18.85
CA ILE B 116 -4.01 31.67 19.25
C ILE B 116 -3.92 30.15 19.40
N ALA B 117 -3.00 29.55 18.66
CA ALA B 117 -2.81 28.10 18.69
C ALA B 117 -1.32 27.78 18.77
N TRP B 118 -0.99 26.71 19.48
CA TRP B 118 0.38 26.24 19.56
C TRP B 118 0.39 24.74 19.81
N ASN B 119 1.48 24.10 19.40
CA ASN B 119 1.58 22.64 19.50
C ASN B 119 1.70 22.20 20.95
N SER B 120 1.05 21.08 21.28
CA SER B 120 1.05 20.54 22.63
C SER B 120 1.31 19.04 22.64
N ASN B 121 2.14 18.57 21.71
CA ASN B 121 2.45 17.14 21.67
C ASN B 121 3.22 16.70 22.89
N LYS B 122 4.08 17.58 23.42
CA LYS B 122 4.90 17.21 24.58
C LYS B 122 4.02 16.92 25.80
N LEU B 123 2.99 17.74 26.01
CA LEU B 123 2.22 17.64 27.26
C LEU B 123 0.97 16.81 27.08
N ASP B 124 0.26 16.98 25.96
CA ASP B 124 -1.05 16.38 25.77
C ASP B 124 -1.01 15.00 25.13
N SER B 125 0.17 14.46 24.86
CA SER B 125 0.31 13.15 24.24
C SER B 125 1.03 12.20 25.18
N LYS B 126 0.50 10.98 25.30
CA LYS B 126 1.10 9.93 26.10
C LYS B 126 1.19 8.65 25.28
N PRO B 127 2.21 7.82 25.53
CA PRO B 127 2.30 6.55 24.80
C PRO B 127 1.07 5.67 24.98
N SER B 128 0.48 5.67 26.18
CA SER B 128 -0.76 4.93 26.38
C SER B 128 -1.91 5.55 25.58
N GLY B 129 -1.98 6.87 25.54
CA GLY B 129 -3.03 7.56 24.80
C GLY B 129 -3.83 8.51 25.67
N ASN B 130 -4.04 9.73 25.17
CA ASN B 130 -4.79 10.75 25.91
C ASN B 130 -6.27 10.67 25.53
N TYR B 131 -6.92 9.61 26.03
CA TYR B 131 -8.34 9.42 25.79
C TYR B 131 -9.21 10.41 26.56
N ASN B 132 -8.62 11.20 27.47
CA ASN B 132 -9.42 12.11 28.30
C ASN B 132 -10.12 13.16 27.45
N TYR B 133 -9.41 13.74 26.48
CA TYR B 133 -10.02 14.74 25.62
C TYR B 133 -11.10 14.10 24.74
N LEU B 134 -12.20 14.82 24.56
CA LEU B 134 -13.33 14.32 23.81
C LEU B 134 -13.81 15.39 22.85
N TYR B 135 -14.60 14.99 21.88
CA TYR B 135 -15.23 15.96 20.99
C TYR B 135 -16.55 15.32 20.63
N ARG B 136 -17.46 16.07 20.06
CA ARG B 136 -18.78 15.62 19.65
C ARG B 136 -18.86 15.55 18.13
N LEU B 137 -19.38 14.45 17.61
CA LEU B 137 -19.55 14.30 16.17
C LEU B 137 -20.97 13.94 15.76
N LEU B 138 -21.90 13.86 16.70
CA LEU B 138 -23.31 13.60 16.40
C LEU B 138 -24.17 14.57 17.20
N ARG B 139 -25.09 15.27 16.51
CA ARG B 139 -25.98 16.22 17.16
C ARG B 139 -27.16 16.48 16.23
N LYS B 140 -28.26 16.95 16.83
CA LYS B 140 -29.47 17.16 16.05
C LYS B 140 -29.37 18.35 15.12
N SER B 141 -28.85 19.48 15.62
CA SER B 141 -28.81 20.71 14.86
C SER B 141 -27.49 21.44 15.13
N LYS B 142 -27.17 22.36 14.23
CA LYS B 142 -25.92 23.12 14.35
C LYS B 142 -25.98 24.07 15.53
N LEU B 143 -24.83 24.29 16.16
CA LEU B 143 -24.76 25.16 17.32
C LEU B 143 -24.73 26.62 16.91
N LYS B 144 -25.43 27.45 17.68
CA LYS B 144 -25.35 28.90 17.53
C LYS B 144 -24.02 29.39 18.07
N PRO B 145 -23.57 30.57 17.66
CA PRO B 145 -22.26 31.05 18.08
C PRO B 145 -22.16 31.15 19.60
N PHE B 146 -20.98 30.78 20.11
CA PHE B 146 -20.67 30.87 21.53
C PHE B 146 -21.68 30.09 22.37
N GLU B 147 -21.72 28.78 22.17
CA GLU B 147 -22.64 27.90 22.89
C GLU B 147 -21.88 26.71 23.45
N ARG B 148 -22.36 26.20 24.58
CA ARG B 148 -21.73 25.08 25.27
C ARG B 148 -22.77 23.99 25.48
N ASP B 149 -22.43 22.76 25.10
CA ASP B 149 -23.28 21.60 25.31
C ASP B 149 -22.45 20.50 25.96
N ILE B 150 -22.94 19.97 27.07
CA ILE B 150 -22.21 18.98 27.85
C ILE B 150 -23.04 17.74 28.14
N SER B 151 -24.31 17.73 27.74
CA SER B 151 -25.22 16.64 28.07
C SER B 151 -25.12 15.56 27.00
N THR B 152 -24.92 14.32 27.42
CA THR B 152 -24.72 13.19 26.53
C THR B 152 -26.01 12.40 26.42
N GLU B 153 -26.75 12.62 25.34
CA GLU B 153 -27.94 11.84 25.01
C GLU B 153 -27.59 10.94 23.84
N ILE B 154 -27.96 9.66 23.95
CA ILE B 154 -27.66 8.70 22.89
C ILE B 154 -28.32 9.15 21.60
N TYR B 155 -27.52 9.34 20.56
CA TYR B 155 -28.01 9.87 19.30
C TYR B 155 -29.02 8.91 18.67
N GLN B 156 -30.23 9.41 18.41
CA GLN B 156 -31.28 8.61 17.79
C GLN B 156 -31.35 8.95 16.29
N ALA B 157 -30.39 8.40 15.55
CA ALA B 157 -30.43 8.51 14.10
C ALA B 157 -31.51 7.63 13.51
N GLY B 158 -31.83 6.53 14.19
CA GLY B 158 -32.86 5.63 13.70
C GLY B 158 -34.26 6.12 14.00
N ASN B 159 -35.23 5.31 13.59
CA ASN B 159 -36.63 5.66 13.77
C ASN B 159 -37.19 5.22 15.12
N LYS B 160 -36.40 4.53 15.94
CA LYS B 160 -36.88 4.00 17.21
C LYS B 160 -36.15 4.65 18.38
N PRO B 161 -36.84 4.98 19.47
CA PRO B 161 -36.18 5.59 20.63
C PRO B 161 -35.04 4.76 21.19
N CYS B 162 -33.97 5.43 21.60
CA CYS B 162 -32.78 4.72 22.08
C CYS B 162 -32.94 4.27 23.52
N ASN B 163 -33.81 4.94 24.28
CA ASN B 163 -34.07 4.63 25.69
C ASN B 163 -32.82 4.80 26.56
N GLY B 164 -31.89 5.66 26.14
CA GLY B 164 -30.73 5.97 26.94
C GLY B 164 -29.65 4.90 26.98
N VAL B 165 -29.62 4.00 26.00
CA VAL B 165 -28.61 2.95 25.94
C VAL B 165 -28.05 2.90 24.53
N ALA B 166 -26.86 2.31 24.41
CA ALA B 166 -26.20 2.19 23.12
C ALA B 166 -26.61 0.89 22.42
N GLY B 167 -26.51 0.92 21.09
CA GLY B 167 -26.88 -0.23 20.29
C GLY B 167 -27.03 0.12 18.82
N PRO B 168 -27.82 -0.67 18.09
CA PRO B 168 -28.05 -0.38 16.67
C PRO B 168 -28.74 0.96 16.47
N ASN B 169 -28.10 1.82 15.67
CA ASN B 169 -28.56 3.20 15.44
C ASN B 169 -28.68 3.99 16.74
N CYS B 170 -27.82 3.69 17.71
CA CYS B 170 -27.79 4.39 18.99
C CYS B 170 -26.34 4.53 19.41
N TYR B 171 -25.74 5.69 19.14
CA TYR B 171 -24.33 5.92 19.41
C TYR B 171 -24.17 7.09 20.38
N SER B 172 -23.21 6.96 21.29
CA SER B 172 -22.90 8.07 22.17
C SER B 172 -22.27 9.20 21.37
N PRO B 173 -22.78 10.43 21.51
CA PRO B 173 -22.25 11.53 20.70
C PRO B 173 -20.78 11.81 20.92
N LEU B 174 -20.29 11.61 22.14
CA LEU B 174 -18.90 11.95 22.44
C LEU B 174 -17.95 10.92 21.89
N GLN B 175 -16.86 11.39 21.29
CA GLN B 175 -15.80 10.53 20.79
C GLN B 175 -14.46 11.10 21.25
N SER B 176 -13.49 10.21 21.43
CA SER B 176 -12.25 10.55 22.11
C SER B 176 -11.12 10.71 21.11
N TYR B 177 -10.43 11.85 21.18
CA TYR B 177 -9.11 11.95 20.57
C TYR B 177 -8.16 11.00 21.28
N GLY B 178 -7.27 10.39 20.51
CA GLY B 178 -6.17 9.67 21.09
C GLY B 178 -4.88 10.34 20.69
N PHE B 179 -4.09 10.79 21.66
CA PHE B 179 -2.86 11.53 21.37
C PHE B 179 -1.65 10.71 21.79
N ARG B 180 -0.75 10.48 20.85
CA ARG B 180 0.48 9.74 21.06
C ARG B 180 1.64 10.54 20.49
N PRO B 181 2.85 10.35 21.04
CA PRO B 181 4.00 11.12 20.53
C PRO B 181 4.32 10.85 19.08
N THR B 182 4.03 9.64 18.59
CA THR B 182 4.41 9.28 17.22
C THR B 182 3.45 9.79 16.17
N TYR B 183 2.34 10.42 16.57
CA TYR B 183 1.38 10.93 15.61
C TYR B 183 1.99 12.02 14.75
N GLY B 184 1.54 12.10 13.51
CA GLY B 184 2.05 13.11 12.60
C GLY B 184 1.44 14.46 12.85
N VAL B 185 2.11 15.49 12.33
CA VAL B 185 1.56 16.84 12.40
C VAL B 185 0.26 16.89 11.62
N GLY B 186 -0.76 17.49 12.21
CA GLY B 186 -2.10 17.45 11.71
C GLY B 186 -3.03 16.56 12.51
N HIS B 187 -2.47 15.56 13.20
CA HIS B 187 -3.20 14.81 14.20
C HIS B 187 -2.65 15.01 15.61
N GLN B 188 -1.53 15.71 15.74
CA GLN B 188 -0.98 16.01 17.04
C GLN B 188 -1.90 16.98 17.79
N PRO B 189 -1.96 16.88 19.11
CA PRO B 189 -2.84 17.77 19.88
C PRO B 189 -2.34 19.21 19.82
N TYR B 190 -3.25 20.13 19.50
CA TYR B 190 -2.95 21.54 19.41
C TYR B 190 -3.79 22.30 20.42
N ARG B 191 -3.16 23.18 21.19
CA ARG B 191 -3.82 23.96 22.21
C ARG B 191 -4.21 25.31 21.63
N VAL B 192 -5.50 25.62 21.64
CA VAL B 192 -6.04 26.83 21.05
C VAL B 192 -6.79 27.61 22.12
N VAL B 193 -6.41 28.87 22.31
CA VAL B 193 -7.11 29.78 23.22
C VAL B 193 -7.61 30.96 22.38
N VAL B 194 -8.92 31.08 22.27
CA VAL B 194 -9.55 32.08 21.42
C VAL B 194 -9.86 33.31 22.25
N LEU B 195 -9.28 34.45 21.87
CA LEU B 195 -9.48 35.71 22.56
C LEU B 195 -10.65 36.44 21.92
N SER B 196 -11.70 36.68 22.69
CA SER B 196 -12.89 37.36 22.23
C SER B 196 -12.99 38.72 22.90
N PHE B 197 -13.13 39.78 22.09
CA PHE B 197 -13.21 41.15 22.58
C PHE B 197 -14.61 41.68 22.28
N GLU B 198 -15.26 42.25 23.28
CA GLU B 198 -16.62 42.77 23.15
C GLU B 198 -16.67 44.18 23.72
N LEU B 199 -17.43 45.05 23.05
CA LEU B 199 -17.70 46.39 23.55
C LEU B 199 -19.07 46.44 24.19
N LEU B 200 -19.15 46.96 25.41
CA LEU B 200 -20.39 47.02 26.16
C LEU B 200 -20.62 48.44 26.67
N HIS B 201 -21.88 48.74 26.98
CA HIS B 201 -22.27 50.06 27.46
C HIS B 201 -21.83 50.23 28.92
N ALA B 202 -20.51 50.33 29.09
CA ALA B 202 -19.89 50.47 30.39
C ALA B 202 -18.47 50.95 30.19
N PRO B 203 -17.83 51.48 31.24
CA PRO B 203 -16.40 51.80 31.13
C PRO B 203 -15.60 50.56 30.75
N ALA B 204 -14.61 50.76 29.88
CA ALA B 204 -13.85 49.62 29.35
C ALA B 204 -13.05 48.92 30.45
N THR B 205 -12.29 49.68 31.22
CA THR B 205 -11.44 49.19 32.31
C THR B 205 -10.38 48.19 31.84
N VAL B 206 -10.25 47.99 30.52
CA VAL B 206 -9.23 47.10 29.97
C VAL B 206 -8.53 47.84 28.84
N CYS B 207 -7.38 48.44 29.14
CA CYS B 207 -6.60 49.20 28.17
C CYS B 207 -5.15 48.72 28.21
N GLY B 208 -4.55 48.58 27.03
CA GLY B 208 -3.17 48.14 26.93
C GLY B 208 -2.17 49.27 26.86
C1 NAG C . -21.54 11.52 -0.26
C2 NAG C . -21.44 12.65 -1.29
C3 NAG C . -20.18 13.46 -1.02
C4 NAG C . -20.19 13.95 0.43
C5 NAG C . -20.32 12.77 1.37
C6 NAG C . -20.44 13.19 2.82
C7 NAG C . -22.50 12.27 -3.43
C8 NAG C . -22.82 13.64 -3.93
N2 NAG C . -21.44 12.15 -2.64
O3 NAG C . -20.13 14.54 -1.92
O4 NAG C . -18.94 14.59 0.72
O5 NAG C . -21.52 12.01 1.06
O6 NAG C . -20.40 12.05 3.68
O7 NAG C . -23.21 11.29 -3.70
C1 NAG C . -18.59 15.92 0.47
C2 NAG C . -19.70 16.95 0.66
C3 NAG C . -19.11 18.36 0.57
C4 NAG C . -17.98 18.54 1.55
C5 NAG C . -16.93 17.46 1.32
C6 NAG C . -15.82 17.47 2.35
C7 NAG C . -22.05 16.77 0.01
C8 NAG C . -23.01 16.58 -1.12
N2 NAG C . -20.76 16.87 -0.32
O3 NAG C . -20.15 19.30 0.80
O4 NAG C . -17.36 19.80 1.33
O5 NAG C . -17.54 16.14 1.39
O6 NAG C . -14.75 18.32 1.93
O7 NAG C . -22.41 16.82 1.19
C1 BMA C . -17.38 20.81 2.30
C2 BMA C . -16.01 21.44 2.38
C3 BMA C . -16.01 22.57 3.39
C4 BMA C . -17.09 23.57 3.04
C5 BMA C . -18.44 22.88 2.94
C6 BMA C . -19.54 23.80 2.46
O2 BMA C . -15.60 21.90 1.10
O3 BMA C . -14.74 23.20 3.41
O4 BMA C . -17.16 24.60 4.02
O5 BMA C . -18.36 21.79 1.98
O6 BMA C . -19.11 24.58 1.35
C1 NAG D . 13.52 -4.51 22.75
C2 NAG D . 14.61 -3.50 23.16
C3 NAG D . 15.01 -3.72 24.62
C4 NAG D . 13.78 -3.69 25.52
C5 NAG D . 12.76 -4.71 25.02
C6 NAG D . 11.47 -4.69 25.82
C7 NAG D . 16.54 -4.70 22.17
C8 NAG D . 17.70 -4.58 21.23
N2 NAG D . 15.78 -3.60 22.29
O3 NAG D . 15.92 -2.70 25.01
O4 NAG D . 14.16 -4.02 26.86
O5 NAG D . 12.42 -4.42 23.67
O6 NAG D . 10.65 -5.80 25.51
O7 NAG D . 16.31 -5.73 22.79
C1 NAG E . -23.53 -12.47 5.23
C2 NAG E . -24.48 -11.94 4.16
C3 NAG E . -25.76 -11.46 4.82
C4 NAG E . -26.37 -12.57 5.66
C5 NAG E . -25.34 -13.06 6.67
C6 NAG E . -25.83 -14.23 7.48
C7 NAG E . -23.51 -11.04 2.12
C8 NAG E . -23.46 -9.78 1.29
N2 NAG E . -23.87 -10.87 3.39
O3 NAG E . -26.68 -11.01 3.84
O4 NAG E . -27.53 -12.08 6.33
O5 NAG E . -24.14 -13.49 6.01
O6 NAG E . -24.89 -14.58 8.50
O7 NAG E . -23.23 -12.13 1.65
C1 NAG F . 24.95 1.07 -33.41
C2 NAG F . 26.46 1.31 -33.22
C3 NAG F . 27.08 1.87 -34.49
C4 NAG F . 26.86 0.86 -35.61
C5 NAG F . 25.36 0.64 -35.75
C6 NAG F . 25.05 -0.39 -36.80
C7 NAG F . 27.38 1.63 -30.98
C8 NAG F . 28.73 1.01 -31.21
N2 NAG F . 26.77 2.13 -32.06
O3 NAG F . 28.46 2.14 -34.31
O4 NAG F . 27.42 1.36 -36.82
O5 NAG F . 24.83 0.16 -34.50
O6 NAG F . 25.84 -1.55 -36.59
O7 NAG F . 26.85 1.65 -29.89
C1 NAG G . 16.77 19.13 -12.62
C2 NAG G . 17.88 18.73 -13.57
C3 NAG G . 19.24 18.90 -12.90
C4 NAG G . 19.40 20.32 -12.35
C5 NAG G . 18.22 20.64 -11.43
C6 NAG G . 18.25 22.06 -10.94
C7 NAG G . 17.41 16.97 -15.21
C8 NAG G . 17.35 15.49 -15.44
N2 NAG G . 17.75 17.36 -13.98
O3 NAG G . 20.23 18.63 -13.88
O4 NAG G . 20.60 20.45 -11.61
O5 NAG G . 16.95 20.44 -12.11
O6 NAG G . 19.52 22.36 -10.36
O7 NAG G . 17.16 17.78 -16.10
C1 NAG H . 10.28 19.94 2.77
C2 NAG H . 10.15 21.15 1.84
C3 NAG H . 10.32 22.43 2.63
C4 NAG H . 9.34 22.47 3.79
C5 NAG H . 9.51 21.22 4.65
C6 NAG H . 8.47 21.12 5.75
C7 NAG H . 12.41 21.22 0.78
C8 NAG H . 13.10 21.38 -0.54
N2 NAG H . 11.08 21.10 0.72
O3 NAG H . 10.13 23.54 1.77
O4 NAG H . 9.59 23.62 4.58
O5 NAG H . 9.37 20.04 3.85
O6 NAG H . 8.67 19.95 6.54
O7 NAG H . 13.03 21.20 1.84
ZN ZN I . 7.23 -2.49 -3.48
#